data_2J8D
#
_entry.id   2J8D
#
_cell.length_a   140.010
_cell.length_b   140.010
_cell.length_c   184.760
_cell.angle_alpha   90.00
_cell.angle_beta   90.00
_cell.angle_gamma   120.00
#
_symmetry.space_group_name_H-M   'P 31 2 1'
#
loop_
_entity.id
_entity.type
_entity.pdbx_description
1 polymer 'REACTION CENTER PROTEIN H CHAIN'
2 polymer 'REACTION CENTER PROTEIN L CHAIN'
3 polymer 'REACTION CENTER PROTEIN M CHAIN'
4 non-polymer GLYCEROL
5 non-polymer 'BACTERIOCHLOROPHYLL A'
6 non-polymer 'LAURYL DIMETHYLAMINE-N-OXIDE'
7 non-polymer 'BACTERIOPHEOPHYTIN A'
8 non-polymer UBIQUINONE-10
9 non-polymer 'PHOSPHATE ION'
10 non-polymer HEPTANE-1,2,3-TRIOL
11 non-polymer 'FE (III) ION'
12 non-polymer SPHEROIDENE
13 non-polymer CARDIOLIPIN
14 water water
#
loop_
_entity_poly.entity_id
_entity_poly.type
_entity_poly.pdbx_seq_one_letter_code
_entity_poly.pdbx_strand_id
1 'polypeptide(L)'
;MVGVTAFGNFDLASLAIYSFWIFLAGLIYYLQTENMREGYPLENEDGTPAANQGPFPLPKPKTFILPHGRGTLTVPGPES
EDRPIALARTAVSEGFPHAPTGDPMKDGVGPASWVARRDLPELDGHGHNKIKPMKAAAGFHVSAGKNPIGLPVRGCDLEI
AGKVVDIWVDIPEQMARFLEVELKDGSTRLLPMQMVKVQSNRVHVNALSSDLFAGIPTIKSPTEVTLLEEDKICGYVAGG
LMYAAPKRKSVVAAMLAEYA
;
H
2 'polypeptide(L)'
;ALLSFERKYRVPGGTLVGGNLFDFWVGPFYVGFFGVATFFFAALGIILIAWSAVLQGTWNPQLISVYPPALEYGLGGAPL
AKGGLWQIITICATGAFVSWALREVEICRKLGIGYHIPFAFAFAILAYLTLVLFRPVMMGAWGYAFPYGIWTHLDWVSNT
GYTYGNFHYNPAHMIAISFFFTNALALALHGALVLSAANPEKGKEMRTPDHEDTFFRDLVGYSIGTLGIHRLGLLLSLSA
VFFSALCMIITGTIWFDQWVDWWQWWVKLPWWANIPGGING
;
L
3 'polypeptide(L)'
;AEYQNIFSQVQVRGPADLGMTEDVNLANRSGVGPFSTLLGWFGNAQLGPIYLGSLGVLSLFSGLMWFFTIGIWFWYQAGW
NPAVFLRDLFFFSLEPPAPEYGLSFAAPLKEGGLWLIASFFMFVAVWSWWGRTYLRAQALGMGKHTAWAFLSAIWLWMVL
GFIRPILMGSWSEAVPYGIFSHLDWTNNFSLVHGNLFYNPFHGLSIAFLYGSALLFAMHGATILAVSRFGGERELEQIAD
RGTAAERAALFWRWTMGFNATMEGIHRWAIWMAVLVTLTGGIGILLSGTVVDNWYVWGQNHGMAPLN
;
M
#
# COMPACT_ATOMS: atom_id res chain seq x y z
N MET A 1 48.35 -13.19 3.62
CA MET A 1 47.99 -13.89 4.88
C MET A 1 47.64 -12.90 6.03
N VAL A 2 46.59 -12.10 5.81
CA VAL A 2 46.07 -11.17 6.85
C VAL A 2 44.54 -11.29 7.01
N GLY A 3 44.09 -11.41 8.27
CA GLY A 3 42.66 -11.52 8.59
C GLY A 3 42.38 -11.71 10.08
N VAL A 4 41.89 -10.64 10.72
CA VAL A 4 41.61 -10.61 12.17
C VAL A 4 40.07 -10.54 12.44
N THR A 5 39.40 -11.69 12.34
CA THR A 5 37.93 -11.81 12.49
C THR A 5 37.50 -13.11 13.20
N ALA A 6 38.21 -14.20 12.89
CA ALA A 6 37.86 -15.58 13.30
C ALA A 6 37.47 -15.81 14.78
N PHE A 7 38.21 -15.18 15.70
CA PHE A 7 38.05 -15.44 17.15
C PHE A 7 36.77 -14.91 17.84
N GLY A 8 36.14 -13.88 17.29
CA GLY A 8 34.91 -13.34 17.88
C GLY A 8 34.32 -12.05 17.31
N ASN A 9 34.31 -11.95 15.98
CA ASN A 9 33.63 -10.83 15.29
C ASN A 9 32.46 -11.22 14.39
N PHE A 10 32.21 -12.54 14.27
CA PHE A 10 30.92 -13.09 13.80
C PHE A 10 29.89 -12.95 14.93
N ASP A 11 30.42 -12.67 16.14
CA ASP A 11 29.70 -12.09 17.27
C ASP A 11 29.01 -10.82 16.85
N LEU A 12 29.73 -9.92 16.17
CA LEU A 12 29.10 -8.78 15.54
C LEU A 12 28.29 -9.32 14.37
N ALA A 13 27.01 -9.01 14.32
CA ALA A 13 26.07 -9.70 13.42
C ALA A 13 25.13 -10.42 14.34
N SER A 14 25.66 -11.26 15.24
CA SER A 14 24.88 -11.78 16.38
C SER A 14 24.42 -10.61 17.25
N LEU A 15 25.37 -9.78 17.65
CA LEU A 15 25.05 -8.52 18.32
C LEU A 15 24.00 -7.70 17.55
N ALA A 16 24.20 -7.57 16.22
CA ALA A 16 23.35 -6.71 15.41
C ALA A 16 21.92 -7.22 15.35
N ILE A 17 21.76 -8.52 15.20
CA ILE A 17 20.44 -9.09 15.01
C ILE A 17 19.66 -9.07 16.36
N TYR A 18 20.40 -9.35 17.43
CA TYR A 18 19.84 -9.33 18.79
C TYR A 18 19.34 -7.90 19.07
N SER A 19 20.18 -6.92 18.76
CA SER A 19 19.83 -5.52 18.86
C SER A 19 18.63 -5.13 18.04
N PHE A 20 18.56 -5.68 16.81
CA PHE A 20 17.44 -5.36 15.95
C PHE A 20 16.10 -5.79 16.53
N TRP A 21 16.01 -7.02 17.06
CA TRP A 21 14.78 -7.51 17.62
C TRP A 21 14.33 -6.67 18.83
N ILE A 22 15.29 -6.21 19.62
CA ILE A 22 15.00 -5.31 20.74
C ILE A 22 14.48 -3.99 20.19
N PHE A 23 15.17 -3.43 19.21
CA PHE A 23 14.67 -2.22 18.59
C PHE A 23 13.26 -2.43 18.03
N LEU A 24 13.02 -3.55 17.36
CA LEU A 24 11.73 -3.75 16.73
C LEU A 24 10.59 -3.90 17.74
N ALA A 25 10.87 -4.54 18.86
CA ALA A 25 9.87 -4.67 19.93
C ALA A 25 9.49 -3.27 20.44
N GLY A 26 10.49 -2.42 20.64
CA GLY A 26 10.32 -1.00 20.99
C GLY A 26 9.53 -0.21 19.94
N LEU A 27 9.85 -0.45 18.66
CA LEU A 27 9.12 0.23 17.62
C LEU A 27 7.64 -0.15 17.60
N ILE A 28 7.34 -1.42 17.72
CA ILE A 28 5.96 -1.87 17.67
C ILE A 28 5.16 -1.32 18.88
N TYR A 29 5.84 -1.20 20.01
CA TYR A 29 5.22 -0.61 21.19
C TYR A 29 4.89 0.84 20.92
N TYR A 30 5.88 1.60 20.46
CA TYR A 30 5.63 2.97 19.99
C TYR A 30 4.47 3.07 19.02
N LEU A 31 4.46 2.22 17.98
CA LEU A 31 3.42 2.35 16.92
C LEU A 31 2.03 2.04 17.45
N GLN A 32 1.93 0.97 18.21
CA GLN A 32 0.62 0.58 18.76
C GLN A 32 0.08 1.68 19.68
N THR A 33 0.91 2.20 20.58
CA THR A 33 0.43 3.28 21.47
C THR A 33 0.11 4.59 20.70
N GLU A 34 0.91 4.92 19.66
CA GLU A 34 0.54 6.02 18.75
C GLU A 34 -0.82 5.80 18.19
N ASN A 35 -1.15 4.56 17.89
CA ASN A 35 -2.45 4.28 17.31
C ASN A 35 -3.59 4.16 18.33
N MET A 36 -3.32 4.57 19.56
CA MET A 36 -4.37 4.60 20.59
C MET A 36 -4.77 6.01 20.93
N ARG A 37 -4.46 6.95 20.03
CA ARG A 37 -4.79 8.34 20.24
C ARG A 37 -6.25 8.65 20.00
N GLU A 38 -7.00 7.71 19.43
CA GLU A 38 -8.44 7.87 19.18
C GLU A 38 -9.18 6.64 19.64
N GLY A 39 -10.40 6.80 20.14
CA GLY A 39 -11.23 5.63 20.49
C GLY A 39 -10.98 4.90 21.81
N TYR A 40 -9.91 5.28 22.51
CA TYR A 40 -9.54 4.68 23.80
C TYR A 40 -9.70 5.77 24.90
N PRO A 41 -9.99 5.37 26.18
CA PRO A 41 -10.15 4.01 26.71
C PRO A 41 -11.31 3.27 26.11
N LEU A 42 -11.16 1.95 26.04
CA LEU A 42 -12.23 1.06 25.61
C LEU A 42 -13.39 1.16 26.60
N GLU A 43 -14.60 0.91 26.10
CA GLU A 43 -15.84 1.05 26.86
C GLU A 43 -16.64 -0.24 26.81
N ASN A 44 -17.49 -0.43 27.83
CA ASN A 44 -18.50 -1.48 27.82
C ASN A 44 -19.56 -0.97 26.88
N GLU A 45 -20.50 -1.81 26.51
CA GLU A 45 -21.59 -1.40 25.64
C GLU A 45 -22.49 -0.28 26.20
N ASP A 46 -22.37 0.01 27.50
CA ASP A 46 -23.19 1.07 28.08
C ASP A 46 -22.41 2.36 28.18
N GLY A 47 -21.17 2.40 27.64
CA GLY A 47 -20.41 3.64 27.63
C GLY A 47 -19.50 3.86 28.81
N THR A 48 -19.51 2.98 29.80
CA THR A 48 -18.62 3.09 30.94
C THR A 48 -17.25 2.48 30.60
N PRO A 49 -16.16 2.90 31.29
CA PRO A 49 -14.81 2.36 30.96
C PRO A 49 -14.76 0.85 31.14
N ALA A 50 -14.20 0.12 30.17
CA ALA A 50 -14.10 -1.33 30.29
C ALA A 50 -13.03 -1.68 31.30
N ALA A 51 -13.19 -2.81 31.97
CA ALA A 51 -12.18 -3.26 32.93
C ALA A 51 -10.85 -3.60 32.24
N ASN A 52 -10.92 -4.28 31.11
CA ASN A 52 -9.72 -4.74 30.40
C ASN A 52 -9.39 -3.80 29.25
N GLN A 53 -8.33 -3.02 29.45
CA GLN A 53 -7.86 -2.06 28.48
C GLN A 53 -6.72 -2.61 27.58
N GLY A 54 -6.29 -3.84 27.84
CA GLY A 54 -5.13 -4.43 27.15
C GLY A 54 -3.80 -4.07 27.79
N PRO A 55 -2.68 -4.62 27.27
CA PRO A 55 -1.34 -4.39 27.85
C PRO A 55 -0.65 -3.09 27.46
N PHE A 56 -1.24 -2.30 26.56
CA PHE A 56 -0.62 -1.05 26.13
C PHE A 56 -1.32 0.14 26.83
N PRO A 57 -0.55 1.04 27.46
CA PRO A 57 -1.06 2.26 28.09
C PRO A 57 -1.27 3.36 27.07
N LEU A 58 -2.14 4.33 27.38
CA LEU A 58 -2.35 5.47 26.50
C LEU A 58 -1.05 6.25 26.37
N PRO A 59 -0.77 6.79 25.17
CA PRO A 59 0.43 7.64 25.01
C PRO A 59 0.25 8.99 25.73
N LYS A 60 1.35 9.70 26.03
CA LYS A 60 1.28 11.09 26.44
C LYS A 60 0.61 11.88 25.32
N PRO A 61 -0.27 12.85 25.69
CA PRO A 61 -1.03 13.60 24.70
C PRO A 61 -0.15 14.41 23.77
N LYS A 62 -0.63 14.66 22.55
CA LYS A 62 0.08 15.55 21.64
C LYS A 62 -0.92 16.57 21.21
N THR A 63 -0.47 17.73 20.77
CA THR A 63 -1.36 18.76 20.31
C THR A 63 -1.09 19.20 18.89
N PHE A 64 -2.12 19.15 18.06
CA PHE A 64 -2.09 19.70 16.71
C PHE A 64 -2.62 21.14 16.75
N ILE A 65 -1.89 22.08 16.14
CA ILE A 65 -2.32 23.45 15.98
C ILE A 65 -3.07 23.53 14.67
N LEU A 66 -4.34 23.88 14.70
CA LEU A 66 -5.12 23.94 13.48
C LEU A 66 -5.03 25.31 12.82
N PRO A 67 -5.01 25.34 11.46
CA PRO A 67 -4.92 26.65 10.79
C PRO A 67 -6.20 27.48 10.82
N HIS A 68 -6.06 28.76 10.48
CA HIS A 68 -7.17 29.69 10.32
C HIS A 68 -7.97 29.93 11.60
N GLY A 69 -7.31 29.89 12.75
CA GLY A 69 -7.96 30.20 14.02
C GLY A 69 -8.90 29.11 14.49
N ARG A 70 -8.72 27.88 13.98
CA ARG A 70 -9.63 26.79 14.34
C ARG A 70 -9.24 26.16 15.69
N GLY A 71 -8.17 26.62 16.28
CA GLY A 71 -7.82 26.13 17.61
C GLY A 71 -6.82 24.99 17.57
N THR A 72 -7.01 24.00 18.44
CA THR A 72 -6.08 22.91 18.58
C THR A 72 -6.82 21.62 18.82
N LEU A 73 -6.11 20.50 18.65
CA LEU A 73 -6.66 19.18 18.95
C LEU A 73 -5.60 18.51 19.77
N THR A 74 -5.98 18.00 20.93
CA THR A 74 -5.07 17.29 21.82
C THR A 74 -5.63 15.87 21.97
N VAL A 75 -4.79 14.87 21.74
CA VAL A 75 -5.20 13.46 21.78
C VAL A 75 -4.05 12.66 22.37
N PRO A 76 -4.37 11.63 23.17
CA PRO A 76 -5.71 11.20 23.54
C PRO A 76 -6.38 12.32 24.38
N GLY A 77 -7.70 12.34 24.37
CA GLY A 77 -8.47 13.30 25.17
C GLY A 77 -9.82 12.67 25.45
N PRO A 78 -10.64 13.34 26.29
CA PRO A 78 -11.98 12.85 26.62
C PRO A 78 -12.74 12.48 25.35
N GLU A 79 -13.30 11.28 25.33
CA GLU A 79 -14.04 10.82 24.16
C GLU A 79 -15.50 10.90 24.51
N SER A 80 -16.33 11.48 23.65
CA SER A 80 -17.75 11.26 23.72
C SER A 80 -18.37 11.42 22.33
N GLU A 81 -19.42 10.63 22.09
CA GLU A 81 -20.17 10.69 20.83
C GLU A 81 -20.75 12.05 20.53
N ASP A 82 -21.19 12.78 21.57
CA ASP A 82 -21.78 14.09 21.41
C ASP A 82 -23.02 14.05 20.56
N ARG A 83 -23.75 12.95 20.60
CA ARG A 83 -25.02 12.81 19.85
C ARG A 83 -25.73 11.62 20.44
N PRO A 84 -27.06 11.60 20.37
CA PRO A 84 -27.84 10.45 20.77
C PRO A 84 -27.68 9.29 19.80
N ILE A 85 -27.58 8.08 20.35
CA ILE A 85 -27.42 6.88 19.54
C ILE A 85 -28.69 6.07 19.74
N ALA A 86 -29.54 6.02 18.71
CA ALA A 86 -30.82 5.32 18.82
C ALA A 86 -30.75 3.81 18.54
N LEU A 87 -30.10 3.11 19.46
CA LEU A 87 -29.94 1.65 19.39
C LEU A 87 -30.23 1.07 20.78
N ALA A 88 -30.68 -0.18 20.84
CA ALA A 88 -30.87 -0.91 22.10
C ALA A 88 -30.34 -2.34 22.04
N ARG A 89 -29.86 -2.84 23.17
CA ARG A 89 -29.44 -4.25 23.27
C ARG A 89 -30.45 -5.23 22.75
N THR A 90 -29.96 -6.32 22.14
CA THR A 90 -30.86 -7.39 21.73
C THR A 90 -30.62 -8.67 22.54
N ALA A 91 -29.63 -8.69 23.41
CA ALA A 91 -29.30 -9.89 24.20
C ALA A 91 -29.01 -9.48 25.65
N VAL A 92 -28.89 -10.44 26.56
CA VAL A 92 -28.60 -10.12 27.98
C VAL A 92 -27.11 -10.10 28.29
N SER A 93 -26.28 -10.47 27.32
CA SER A 93 -24.84 -10.42 27.50
C SER A 93 -24.11 -9.63 26.39
N GLU A 94 -22.82 -9.34 26.62
CA GLU A 94 -22.03 -8.51 25.71
C GLU A 94 -21.79 -9.26 24.36
N GLY A 95 -21.63 -8.53 23.27
CA GLY A 95 -21.11 -9.09 22.01
C GLY A 95 -22.17 -9.35 20.96
N PHE A 96 -23.41 -8.94 21.23
CA PHE A 96 -24.47 -9.10 20.24
C PHE A 96 -24.80 -7.77 19.60
N PRO A 97 -25.50 -7.78 18.47
CA PRO A 97 -25.89 -6.54 17.83
C PRO A 97 -26.91 -5.74 18.66
N HIS A 98 -27.00 -4.46 18.30
CA HIS A 98 -27.86 -3.49 18.91
C HIS A 98 -28.84 -3.05 17.87
N ALA A 99 -30.12 -3.30 18.12
CA ALA A 99 -31.18 -3.00 17.18
C ALA A 99 -31.56 -1.52 17.16
N PRO A 100 -31.70 -0.94 15.95
CA PRO A 100 -32.27 0.41 15.88
C PRO A 100 -33.63 0.52 16.60
N THR A 101 -33.82 1.61 17.32
CA THR A 101 -35.05 1.81 18.06
C THR A 101 -36.05 2.59 17.21
N GLY A 102 -35.58 3.18 16.11
CA GLY A 102 -36.43 3.93 15.20
C GLY A 102 -36.06 3.56 13.75
N ASP A 103 -36.03 4.58 12.92
CA ASP A 103 -35.68 4.41 11.52
C ASP A 103 -34.17 4.67 11.47
N PRO A 104 -33.36 3.63 11.19
CA PRO A 104 -31.91 3.77 11.31
C PRO A 104 -31.32 4.78 10.31
N MET A 105 -31.96 4.97 9.16
CA MET A 105 -31.52 6.03 8.19
C MET A 105 -31.73 7.41 8.80
N LYS A 106 -32.93 7.67 9.32
CA LYS A 106 -33.24 8.96 9.97
C LYS A 106 -32.43 9.19 11.22
N ASP A 107 -32.19 8.11 11.99
CA ASP A 107 -31.48 8.22 13.28
C ASP A 107 -29.98 8.23 13.15
N GLY A 108 -29.47 7.87 11.97
CA GLY A 108 -28.02 7.92 11.74
C GLY A 108 -27.23 6.88 12.52
N VAL A 109 -27.67 5.63 12.47
CA VAL A 109 -26.98 4.53 13.16
C VAL A 109 -26.63 3.36 12.16
N GLY A 110 -25.84 2.40 12.61
CA GLY A 110 -25.41 1.30 11.71
C GLY A 110 -24.67 1.91 10.51
N PRO A 111 -24.89 1.38 9.30
CA PRO A 111 -24.15 1.97 8.16
C PRO A 111 -24.62 3.34 7.73
N ALA A 112 -25.75 3.79 8.29
CA ALA A 112 -26.18 5.15 8.12
C ALA A 112 -25.53 6.10 9.11
N SER A 113 -24.52 5.67 9.91
CA SER A 113 -23.89 6.54 10.95
C SER A 113 -23.17 7.78 10.45
N TRP A 114 -23.20 8.82 11.30
CA TRP A 114 -22.38 10.00 11.11
C TRP A 114 -21.67 10.36 12.42
N VAL A 115 -20.63 11.15 12.32
CA VAL A 115 -19.85 11.55 13.48
C VAL A 115 -20.15 13.02 13.67
N ALA A 116 -20.21 13.45 14.93
CA ALA A 116 -20.43 14.86 15.30
C ALA A 116 -19.14 15.65 15.01
N ARG A 117 -18.80 15.78 13.72
CA ARG A 117 -17.63 16.56 13.33
C ARG A 117 -18.00 18.03 13.47
N ARG A 118 -17.01 18.90 13.39
CA ARG A 118 -17.22 20.35 13.49
C ARG A 118 -18.20 20.82 12.45
N ASP A 119 -19.10 21.72 12.83
CA ASP A 119 -20.11 22.26 11.94
C ASP A 119 -19.56 23.53 11.26
N LEU A 120 -18.38 23.35 10.64
CA LEU A 120 -17.71 24.36 9.81
C LEU A 120 -17.16 23.68 8.54
N PRO A 121 -17.07 24.42 7.41
CA PRO A 121 -16.47 23.80 6.20
C PRO A 121 -14.99 23.55 6.32
N GLU A 122 -14.50 22.49 5.67
CA GLU A 122 -13.07 22.33 5.53
C GLU A 122 -12.59 23.50 4.71
N LEU A 123 -11.39 23.96 5.01
CA LEU A 123 -10.80 25.12 4.35
C LEU A 123 -9.52 24.70 3.65
N ASP A 124 -9.22 25.39 2.54
CA ASP A 124 -7.97 25.17 1.81
C ASP A 124 -6.84 25.94 2.47
N GLY A 125 -5.62 25.89 1.90
CA GLY A 125 -4.46 26.49 2.52
C GLY A 125 -4.51 28.01 2.58
N HIS A 126 -5.42 28.60 1.82
CA HIS A 126 -5.58 30.04 1.82
C HIS A 126 -6.76 30.46 2.69
N GLY A 127 -7.38 29.51 3.38
CA GLY A 127 -8.48 29.84 4.27
C GLY A 127 -9.82 29.99 3.60
N HIS A 128 -9.94 29.59 2.33
CA HIS A 128 -11.23 29.61 1.63
C HIS A 128 -11.86 28.23 1.74
N ASN A 129 -13.16 28.14 1.53
CA ASN A 129 -13.88 26.87 1.58
C ASN A 129 -13.30 25.92 0.55
N LYS A 130 -12.91 24.74 1.02
CA LYS A 130 -12.32 23.71 0.15
C LYS A 130 -13.26 23.28 -0.96
N ILE A 131 -14.54 23.14 -0.63
CA ILE A 131 -15.52 22.61 -1.54
C ILE A 131 -16.59 23.67 -1.85
N LYS A 132 -16.90 23.85 -3.14
CA LYS A 132 -17.83 24.90 -3.60
C LYS A 132 -18.65 24.34 -4.74
N PRO A 133 -19.91 24.79 -4.90
CA PRO A 133 -20.60 24.41 -6.12
C PRO A 133 -19.81 25.00 -7.30
N MET A 134 -19.73 24.28 -8.41
CA MET A 134 -18.89 24.73 -9.52
C MET A 134 -19.34 26.10 -10.07
N LYS A 135 -20.64 26.38 -10.07
CA LYS A 135 -21.13 27.71 -10.50
C LYS A 135 -20.47 28.87 -9.75
N ALA A 136 -19.93 28.61 -8.55
CA ALA A 136 -19.32 29.66 -7.73
C ALA A 136 -17.83 29.48 -7.69
N ALA A 137 -17.30 28.47 -8.39
CA ALA A 137 -15.85 28.25 -8.41
C ALA A 137 -15.30 28.84 -9.73
N ALA A 138 -14.64 29.98 -9.57
CA ALA A 138 -14.17 30.79 -10.71
C ALA A 138 -13.20 29.98 -11.56
N GLY A 139 -13.57 29.75 -12.80
CA GLY A 139 -12.63 29.16 -13.76
C GLY A 139 -12.79 27.67 -13.89
N PHE A 140 -13.62 27.06 -13.04
CA PHE A 140 -13.79 25.62 -12.98
C PHE A 140 -14.87 25.15 -13.94
N HIS A 141 -14.59 24.04 -14.63
CA HIS A 141 -15.50 23.47 -15.63
C HIS A 141 -15.17 22.00 -15.78
N VAL A 142 -16.11 21.23 -16.30
CA VAL A 142 -15.85 19.85 -16.65
C VAL A 142 -14.78 19.82 -17.77
N SER A 143 -13.73 19.02 -17.57
CA SER A 143 -12.62 18.94 -18.49
C SER A 143 -12.52 17.60 -19.26
N ALA A 144 -13.30 16.59 -18.88
CA ALA A 144 -13.25 15.26 -19.48
C ALA A 144 -14.38 14.44 -18.87
N GLY A 145 -14.91 13.51 -19.66
CA GLY A 145 -15.95 12.60 -19.23
C GLY A 145 -17.29 13.24 -19.49
N LYS A 146 -18.35 12.47 -19.31
CA LYS A 146 -19.69 12.97 -19.50
C LYS A 146 -20.03 13.99 -18.40
N ASN A 147 -20.50 15.15 -18.82
CA ASN A 147 -20.93 16.19 -17.92
C ASN A 147 -22.28 15.77 -17.36
N PRO A 148 -22.36 15.53 -16.02
CA PRO A 148 -23.63 15.04 -15.45
C PRO A 148 -24.70 16.12 -15.30
N ILE A 149 -24.33 17.40 -15.45
CA ILE A 149 -25.28 18.49 -15.19
C ILE A 149 -26.38 18.45 -16.21
N GLY A 150 -27.62 18.37 -15.72
CA GLY A 150 -28.84 18.30 -16.53
C GLY A 150 -29.44 16.92 -16.66
N LEU A 151 -28.68 15.89 -16.31
CA LEU A 151 -29.17 14.51 -16.36
C LEU A 151 -30.22 14.15 -15.31
N PRO A 152 -31.18 13.28 -15.67
CA PRO A 152 -32.07 12.78 -14.63
C PRO A 152 -31.31 11.85 -13.70
N VAL A 153 -31.83 11.74 -12.47
CA VAL A 153 -31.19 10.93 -11.44
C VAL A 153 -32.16 9.84 -11.06
N ARG A 154 -31.69 8.60 -11.18
CA ARG A 154 -32.53 7.43 -10.97
C ARG A 154 -32.12 6.69 -9.71
N GLY A 155 -33.10 6.28 -8.91
CA GLY A 155 -32.81 5.49 -7.70
C GLY A 155 -32.85 4.00 -7.98
N CYS A 156 -32.59 3.20 -6.95
CA CYS A 156 -32.54 1.75 -7.13
C CYS A 156 -33.91 1.11 -7.34
N ASP A 157 -34.99 1.86 -7.11
CA ASP A 157 -36.31 1.42 -7.56
C ASP A 157 -36.56 1.69 -9.07
N LEU A 158 -35.54 2.22 -9.77
CA LEU A 158 -35.63 2.59 -11.19
C LEU A 158 -36.62 3.72 -11.47
N GLU A 159 -36.90 4.53 -10.45
CA GLU A 159 -37.71 5.74 -10.60
C GLU A 159 -36.82 6.98 -10.56
N ILE A 160 -37.25 8.04 -11.25
CA ILE A 160 -36.48 9.29 -11.32
C ILE A 160 -36.75 10.08 -10.04
N ALA A 161 -35.68 10.45 -9.35
CA ALA A 161 -35.78 11.19 -8.09
C ALA A 161 -35.49 12.69 -8.24
N GLY A 162 -34.88 13.08 -9.35
CA GLY A 162 -34.58 14.50 -9.62
C GLY A 162 -33.61 14.68 -10.77
N LYS A 163 -32.91 15.82 -10.78
CA LYS A 163 -32.02 16.18 -11.87
C LYS A 163 -30.78 16.85 -11.32
N VAL A 164 -29.65 16.58 -11.95
CA VAL A 164 -28.41 17.17 -11.52
C VAL A 164 -28.39 18.61 -11.95
N VAL A 165 -28.08 19.50 -11.00
CA VAL A 165 -28.05 20.93 -11.24
C VAL A 165 -26.70 21.51 -11.05
N ASP A 166 -25.77 20.77 -10.42
CA ASP A 166 -24.40 21.27 -10.35
C ASP A 166 -23.47 20.17 -9.88
N ILE A 167 -22.18 20.43 -9.91
CA ILE A 167 -21.18 19.55 -9.38
C ILE A 167 -20.51 20.36 -8.27
N TRP A 168 -20.32 19.77 -7.08
CA TRP A 168 -19.54 20.47 -6.07
C TRP A 168 -18.11 20.00 -6.18
N VAL A 169 -17.19 20.94 -6.27
CA VAL A 169 -15.82 20.64 -6.57
C VAL A 169 -14.92 21.02 -5.43
N ASP A 170 -13.87 20.24 -5.27
CA ASP A 170 -12.76 20.52 -4.40
C ASP A 170 -11.82 21.45 -5.15
N ILE A 171 -11.72 22.69 -4.70
CA ILE A 171 -10.94 23.71 -5.41
C ILE A 171 -9.43 23.40 -5.41
N PRO A 172 -8.78 23.26 -4.23
CA PRO A 172 -7.36 22.94 -4.30
C PRO A 172 -6.99 21.60 -4.93
N GLU A 173 -7.86 20.60 -4.88
CA GLU A 173 -7.47 19.32 -5.46
C GLU A 173 -8.05 19.10 -6.88
N GLN A 174 -8.84 20.06 -7.34
CA GLN A 174 -9.51 20.04 -8.65
C GLN A 174 -10.16 18.70 -8.90
N MET A 175 -11.14 18.38 -8.07
CA MET A 175 -11.86 17.13 -8.23
C MET A 175 -13.33 17.31 -7.92
N ALA A 176 -14.15 16.46 -8.51
CA ALA A 176 -15.57 16.45 -8.31
C ALA A 176 -15.86 15.66 -7.01
N ARG A 177 -16.68 16.24 -6.11
CA ARG A 177 -16.92 15.63 -4.77
C ARG A 177 -18.36 15.26 -4.57
N PHE A 178 -19.26 16.14 -4.99
CA PHE A 178 -20.68 15.85 -4.94
C PHE A 178 -21.39 16.22 -6.23
N LEU A 179 -22.51 15.58 -6.48
CA LEU A 179 -23.49 16.15 -7.37
C LEU A 179 -24.63 16.82 -6.57
N GLU A 180 -25.04 18.02 -6.98
CA GLU A 180 -26.24 18.63 -6.41
C GLU A 180 -27.44 18.27 -7.25
N VAL A 181 -28.44 17.69 -6.60
CA VAL A 181 -29.60 17.13 -7.27
C VAL A 181 -30.83 17.89 -6.83
N GLU A 182 -31.59 18.41 -7.78
CA GLU A 182 -32.82 19.08 -7.45
C GLU A 182 -33.98 18.12 -7.43
N LEU A 183 -34.81 18.19 -6.38
CA LEU A 183 -35.89 17.23 -6.19
C LEU A 183 -37.20 17.77 -6.74
N LYS A 184 -38.24 16.96 -6.69
CA LYS A 184 -39.55 17.35 -7.21
C LYS A 184 -40.11 18.63 -6.59
N ASP A 185 -39.74 18.93 -5.35
CA ASP A 185 -40.26 20.12 -4.67
C ASP A 185 -39.41 21.37 -4.89
N GLY A 186 -38.35 21.24 -5.68
CA GLY A 186 -37.49 22.36 -5.99
C GLY A 186 -36.32 22.56 -5.05
N SER A 187 -36.28 21.80 -3.95
CA SER A 187 -35.11 21.90 -3.04
C SER A 187 -34.02 21.00 -3.61
N THR A 188 -32.78 21.17 -3.15
CA THR A 188 -31.74 20.28 -3.60
C THR A 188 -31.09 19.46 -2.48
N ARG A 189 -30.41 18.38 -2.87
CA ARG A 189 -29.57 17.58 -1.98
C ARG A 189 -28.20 17.35 -2.62
N LEU A 190 -27.22 17.00 -1.82
CA LEU A 190 -25.91 16.57 -2.30
C LEU A 190 -25.80 15.05 -2.26
N LEU A 191 -25.15 14.51 -3.28
CA LEU A 191 -24.91 13.09 -3.38
C LEU A 191 -23.42 12.90 -3.53
N PRO A 192 -22.80 12.01 -2.71
CA PRO A 192 -21.36 11.83 -2.90
C PRO A 192 -21.08 11.27 -4.33
N MET A 193 -20.00 11.76 -4.94
CA MET A 193 -19.60 11.39 -6.29
C MET A 193 -19.27 9.89 -6.34
N GLN A 194 -18.72 9.37 -5.25
CA GLN A 194 -18.38 7.96 -5.14
C GLN A 194 -19.60 7.04 -5.08
N MET A 195 -20.80 7.61 -5.05
CA MET A 195 -22.00 6.80 -4.84
C MET A 195 -22.95 6.91 -6.01
N VAL A 196 -22.50 7.54 -7.09
CA VAL A 196 -23.34 7.70 -8.27
C VAL A 196 -22.66 7.06 -9.49
N LYS A 197 -23.44 6.63 -10.47
CA LYS A 197 -22.91 6.12 -11.75
C LYS A 197 -23.41 7.05 -12.84
N VAL A 198 -22.49 7.81 -13.43
CA VAL A 198 -22.81 8.71 -14.53
C VAL A 198 -22.91 7.86 -15.80
N GLN A 199 -24.09 7.85 -16.41
CA GLN A 199 -24.33 7.15 -17.67
C GLN A 199 -24.64 8.17 -18.76
N SER A 200 -24.82 7.69 -19.99
CA SER A 200 -24.99 8.61 -21.13
C SER A 200 -26.30 9.39 -21.00
N ASN A 201 -27.36 8.72 -20.55
CA ASN A 201 -28.69 9.33 -20.41
C ASN A 201 -29.16 9.62 -18.97
N ARG A 202 -28.39 9.23 -17.95
CA ARG A 202 -28.88 9.35 -16.58
C ARG A 202 -27.73 9.25 -15.61
N VAL A 203 -28.00 9.64 -14.36
CA VAL A 203 -27.13 9.30 -13.25
C VAL A 203 -27.88 8.28 -12.39
N HIS A 204 -27.26 7.12 -12.16
CA HIS A 204 -27.92 6.07 -11.41
C HIS A 204 -27.35 5.99 -9.98
N VAL A 205 -28.25 5.90 -9.00
CA VAL A 205 -27.84 5.82 -7.58
C VAL A 205 -28.36 4.52 -7.00
N ASN A 206 -27.48 3.54 -6.89
CA ASN A 206 -27.87 2.24 -6.42
C ASN A 206 -28.21 2.27 -4.92
N ALA A 207 -27.61 3.19 -4.16
CA ALA A 207 -27.76 3.18 -2.70
C ALA A 207 -29.17 3.56 -2.23
N LEU A 208 -29.87 4.42 -2.98
CA LEU A 208 -31.17 4.93 -2.53
C LEU A 208 -32.28 4.64 -3.52
N SER A 209 -33.46 4.27 -3.02
CA SER A 209 -34.68 4.30 -3.83
C SER A 209 -35.16 5.75 -3.91
N SER A 210 -35.97 6.08 -4.91
CA SER A 210 -36.30 7.47 -5.20
C SER A 210 -37.00 8.20 -4.05
N ASP A 211 -37.81 7.45 -3.32
CA ASP A 211 -38.54 7.95 -2.15
C ASP A 211 -37.65 8.34 -0.94
N LEU A 212 -36.38 7.95 -0.96
CA LEU A 212 -35.46 8.25 0.13
C LEU A 212 -34.62 9.50 -0.11
N PHE A 213 -34.71 10.06 -1.31
CA PHE A 213 -33.95 11.25 -1.64
C PHE A 213 -34.33 12.45 -0.79
N ALA A 214 -35.61 12.61 -0.53
CA ALA A 214 -36.07 13.77 0.26
C ALA A 214 -35.52 13.73 1.70
N GLY A 215 -35.30 12.52 2.21
CA GLY A 215 -34.67 12.31 3.53
C GLY A 215 -33.18 12.55 3.61
N ILE A 216 -32.48 12.70 2.48
CA ILE A 216 -31.06 13.07 2.57
C ILE A 216 -30.93 14.37 3.41
N PRO A 217 -30.05 14.37 4.44
CA PRO A 217 -29.81 15.59 5.24
C PRO A 217 -29.49 16.82 4.41
N THR A 218 -30.12 17.95 4.72
CA THR A 218 -29.97 19.15 3.91
C THR A 218 -28.84 19.98 4.48
N ILE A 219 -28.30 20.87 3.65
CA ILE A 219 -27.22 21.76 4.11
C ILE A 219 -27.85 23.10 4.51
N LYS A 220 -27.26 23.78 5.46
CA LYS A 220 -27.91 25.00 5.95
C LYS A 220 -27.66 26.23 5.08
N SER A 221 -26.48 26.34 4.45
CA SER A 221 -26.20 27.39 3.45
C SER A 221 -26.03 26.77 2.06
N PRO A 222 -26.65 27.39 1.04
CA PRO A 222 -26.70 26.69 -0.25
C PRO A 222 -25.39 26.67 -1.03
N THR A 223 -24.35 27.35 -0.55
CA THR A 223 -23.11 27.43 -1.30
C THR A 223 -21.91 26.96 -0.51
N GLU A 224 -22.15 26.33 0.65
CA GLU A 224 -21.08 25.66 1.38
C GLU A 224 -21.63 24.45 2.13
N VAL A 225 -20.74 23.53 2.50
CA VAL A 225 -21.13 22.35 3.24
C VAL A 225 -20.11 22.17 4.36
N THR A 226 -20.59 21.87 5.58
CA THR A 226 -19.71 21.78 6.73
C THR A 226 -19.29 20.32 6.92
N LEU A 227 -18.23 20.08 7.69
CA LEU A 227 -17.78 18.70 7.89
C LEU A 227 -18.86 17.85 8.52
N LEU A 228 -19.67 18.47 9.38
CA LEU A 228 -20.80 17.77 9.98
C LEU A 228 -21.85 17.41 8.95
N GLU A 229 -22.20 18.37 8.08
CA GLU A 229 -23.18 18.10 7.04
C GLU A 229 -22.71 17.01 6.05
N GLU A 230 -21.43 16.99 5.70
CA GLU A 230 -20.92 15.94 4.79
C GLU A 230 -21.04 14.56 5.41
N ASP A 231 -20.69 14.45 6.70
CA ASP A 231 -20.82 13.17 7.40
C ASP A 231 -22.23 12.66 7.42
N LYS A 232 -23.18 13.54 7.73
CA LYS A 232 -24.58 13.15 7.74
C LYS A 232 -25.04 12.72 6.33
N ILE A 233 -24.66 13.50 5.30
CA ILE A 233 -25.08 13.18 3.91
C ILE A 233 -24.46 11.82 3.50
N CYS A 234 -23.15 11.69 3.64
CA CYS A 234 -22.47 10.45 3.20
C CYS A 234 -22.91 9.22 3.95
N GLY A 235 -23.11 9.37 5.29
CA GLY A 235 -23.60 8.27 6.11
C GLY A 235 -24.96 7.81 5.70
N TYR A 236 -25.85 8.77 5.46
CA TYR A 236 -27.22 8.44 5.05
C TYR A 236 -27.25 7.71 3.70
N VAL A 237 -26.51 8.24 2.73
CA VAL A 237 -26.47 7.60 1.41
C VAL A 237 -25.94 6.15 1.46
N ALA A 238 -24.78 5.96 2.07
CA ALA A 238 -24.21 4.62 2.24
C ALA A 238 -25.12 3.70 3.04
N GLY A 239 -25.90 4.28 3.97
CA GLY A 239 -26.86 3.50 4.76
C GLY A 239 -27.94 2.87 3.92
N GLY A 240 -28.26 3.50 2.79
CA GLY A 240 -29.25 2.93 1.88
C GLY A 240 -28.87 1.56 1.38
N LEU A 241 -27.58 1.26 1.27
CA LEU A 241 -27.20 -0.05 0.75
C LEU A 241 -27.83 -1.14 1.58
N MET A 242 -27.70 -1.04 2.91
CA MET A 242 -28.40 -2.00 3.79
C MET A 242 -29.90 -1.74 3.89
N TYR A 243 -30.26 -0.49 4.15
CA TYR A 243 -31.64 -0.19 4.58
C TYR A 243 -32.68 0.04 3.47
N ALA A 244 -32.23 0.32 2.24
CA ALA A 244 -33.14 0.36 1.08
C ALA A 244 -33.17 -0.97 0.31
N ALA A 245 -32.44 -1.98 0.80
CA ALA A 245 -32.39 -3.32 0.18
C ALA A 245 -33.76 -3.95 -0.13
N PRO A 246 -34.76 -3.81 0.78
CA PRO A 246 -36.13 -4.18 0.38
C PRO A 246 -36.65 -3.54 -0.92
N LYS A 247 -36.35 -2.26 -1.14
CA LYS A 247 -36.86 -1.53 -2.33
C LYS A 247 -35.97 -1.69 -3.57
N ARG A 248 -34.84 -2.38 -3.40
CA ARG A 248 -33.86 -2.64 -4.47
C ARG A 248 -33.98 -4.09 -4.96
N LYS A 249 -33.94 -5.03 -4.01
CA LYS A 249 -34.06 -6.48 -4.27
C LYS A 249 -35.47 -6.90 -4.71
N SER A 250 -36.47 -6.09 -4.39
CA SER A 250 -37.83 -6.28 -4.91
C SER A 250 -37.90 -5.89 -6.39
N VAL A 251 -37.26 -4.77 -6.74
CA VAL A 251 -37.24 -4.28 -8.13
C VAL A 251 -36.32 -5.11 -9.03
N VAL A 252 -35.01 -5.18 -8.71
CA VAL A 252 -34.05 -5.93 -9.55
C VAL A 252 -34.22 -7.46 -9.42
N ALA A 253 -35.44 -7.88 -9.06
CA ALA A 253 -35.88 -9.29 -9.09
C ALA A 253 -37.21 -9.45 -9.88
N ALA A 254 -38.03 -8.39 -9.86
CA ALA A 254 -39.21 -8.32 -10.71
C ALA A 254 -38.86 -7.72 -12.09
N MET A 255 -37.64 -7.19 -12.20
CA MET A 255 -37.09 -6.63 -13.45
C MET A 255 -36.57 -7.75 -14.35
N LEU A 256 -35.78 -8.65 -13.78
CA LEU A 256 -35.38 -9.90 -14.43
C LEU A 256 -36.37 -11.02 -14.05
N ALA A 257 -36.08 -12.26 -14.47
CA ALA A 257 -36.93 -13.45 -14.22
C ALA A 257 -38.37 -13.35 -14.77
N GLU A 258 -38.61 -14.04 -15.89
CA GLU A 258 -39.91 -14.01 -16.58
C GLU A 258 -40.21 -15.27 -17.42
N TYR A 259 -39.17 -16.07 -17.67
CA TYR A 259 -39.24 -17.20 -18.61
C TYR A 259 -40.17 -18.36 -18.23
N ALA A 260 -39.96 -18.95 -17.04
CA ALA A 260 -40.74 -20.11 -16.57
C ALA A 260 -42.20 -19.78 -16.25
N ALA B 1 -14.95 -5.40 25.06
CA ALA B 1 -14.78 -3.93 25.17
C ALA B 1 -14.82 -3.30 23.76
N LEU B 2 -15.32 -2.07 23.68
CA LEU B 2 -15.62 -1.40 22.44
C LEU B 2 -14.78 -0.15 22.36
N LEU B 3 -14.37 0.25 21.14
CA LEU B 3 -13.81 1.57 20.95
C LEU B 3 -14.90 2.58 21.41
N SER B 4 -14.50 3.78 21.76
CA SER B 4 -15.51 4.73 22.26
C SER B 4 -16.57 5.07 21.24
N PHE B 5 -16.24 4.96 19.94
CA PHE B 5 -17.21 5.37 18.93
C PHE B 5 -17.88 4.16 18.31
N GLU B 6 -17.59 2.97 18.84
CA GLU B 6 -17.96 1.73 18.17
C GLU B 6 -19.41 1.29 18.23
N ARG B 7 -20.12 1.62 19.31
CA ARG B 7 -21.44 0.97 19.48
C ARG B 7 -22.43 1.26 18.36
N LYS B 8 -22.46 2.48 17.87
CA LYS B 8 -23.47 2.84 16.89
C LYS B 8 -23.35 2.03 15.59
N TYR B 9 -22.18 1.44 15.34
CA TYR B 9 -21.99 0.60 14.12
C TYR B 9 -22.36 -0.88 14.30
N ARG B 10 -22.52 -1.30 15.57
CA ARG B 10 -22.76 -2.72 15.85
C ARG B 10 -24.22 -3.07 15.74
N VAL B 11 -24.76 -2.88 14.55
CA VAL B 11 -26.16 -3.19 14.28
C VAL B 11 -26.28 -4.57 13.68
N PRO B 12 -27.50 -5.14 13.66
CA PRO B 12 -27.66 -6.43 12.96
C PRO B 12 -27.59 -6.24 11.44
N GLY B 13 -27.20 -7.28 10.71
CA GLY B 13 -27.35 -7.26 9.25
C GLY B 13 -26.01 -7.33 8.52
N GLY B 14 -26.07 -7.75 7.26
CA GLY B 14 -24.92 -7.78 6.36
C GLY B 14 -24.41 -9.18 6.13
N THR B 15 -24.92 -10.17 6.86
CA THR B 15 -24.42 -11.53 6.75
C THR B 15 -24.73 -12.12 5.35
N LEU B 16 -23.86 -13.02 4.86
CA LEU B 16 -24.11 -13.62 3.55
C LEU B 16 -24.78 -14.99 3.68
N VAL B 17 -24.55 -15.64 4.81
CA VAL B 17 -25.06 -16.97 5.10
C VAL B 17 -25.52 -17.00 6.57
N GLY B 18 -26.68 -17.59 6.83
CA GLY B 18 -27.06 -17.94 8.20
C GLY B 18 -27.95 -16.95 8.91
N GLY B 19 -28.31 -15.87 8.21
CA GLY B 19 -29.10 -14.80 8.80
C GLY B 19 -28.46 -14.27 10.06
N ASN B 20 -29.17 -14.32 11.19
CA ASN B 20 -28.60 -13.80 12.43
C ASN B 20 -27.89 -14.83 13.29
N LEU B 21 -27.83 -16.10 12.86
CA LEU B 21 -27.27 -17.16 13.72
C LEU B 21 -25.88 -16.84 14.21
N PHE B 22 -25.04 -16.32 13.33
CA PHE B 22 -23.66 -16.05 13.72
C PHE B 22 -23.34 -14.54 13.76
N ASP B 23 -24.39 -13.73 13.75
CA ASP B 23 -24.23 -12.29 13.71
C ASP B 23 -23.90 -11.74 15.09
N PHE B 24 -22.65 -11.86 15.50
CA PHE B 24 -22.19 -11.41 16.80
C PHE B 24 -20.66 -11.30 16.84
N TRP B 25 -20.14 -10.77 17.94
CA TRP B 25 -18.71 -10.56 18.15
C TRP B 25 -18.17 -11.36 19.34
N VAL B 26 -16.87 -11.64 19.31
CA VAL B 26 -16.14 -12.16 20.44
C VAL B 26 -15.05 -11.16 20.80
N GLY B 27 -15.29 -10.36 21.84
CA GLY B 27 -14.36 -9.27 22.13
C GLY B 27 -14.43 -8.35 20.92
N PRO B 28 -13.28 -7.96 20.35
CA PRO B 28 -13.35 -7.06 19.16
C PRO B 28 -13.72 -7.78 17.84
N PHE B 29 -13.60 -9.10 17.78
CA PHE B 29 -13.70 -9.85 16.52
C PHE B 29 -15.14 -10.07 16.11
N TYR B 30 -15.47 -9.73 14.88
CA TYR B 30 -16.74 -10.15 14.34
C TYR B 30 -16.64 -11.64 14.03
N VAL B 31 -17.76 -12.35 14.13
CA VAL B 31 -17.75 -13.78 13.88
C VAL B 31 -18.35 -14.06 12.51
N GLY B 32 -19.66 -14.21 12.43
CA GLY B 32 -20.35 -14.56 11.20
C GLY B 32 -20.11 -16.00 10.82
N PHE B 33 -20.88 -16.50 9.86
CA PHE B 33 -20.70 -17.87 9.38
C PHE B 33 -19.25 -18.14 9.00
N PHE B 34 -18.63 -17.18 8.31
CA PHE B 34 -17.26 -17.34 7.80
C PHE B 34 -16.19 -17.21 8.87
N GLY B 35 -16.52 -16.57 9.99
CA GLY B 35 -15.63 -16.63 11.16
C GLY B 35 -15.59 -18.03 11.75
N VAL B 36 -16.75 -18.66 11.79
CA VAL B 36 -16.84 -20.07 12.22
C VAL B 36 -16.08 -20.99 11.23
N ALA B 37 -16.32 -20.80 9.93
CA ALA B 37 -15.61 -21.56 8.88
C ALA B 37 -14.10 -21.37 8.98
N THR B 38 -13.62 -20.12 9.06
CA THR B 38 -12.19 -19.88 9.25
C THR B 38 -11.65 -20.61 10.47
N PHE B 39 -12.35 -20.48 11.59
CA PHE B 39 -11.90 -21.16 12.80
C PHE B 39 -11.79 -22.67 12.59
N PHE B 40 -12.80 -23.25 11.95
CA PHE B 40 -12.81 -24.69 11.73
C PHE B 40 -11.60 -25.09 10.87
N PHE B 41 -11.44 -24.42 9.71
CA PHE B 41 -10.34 -24.73 8.77
C PHE B 41 -8.99 -24.51 9.38
N ALA B 42 -8.82 -23.40 10.08
CA ALA B 42 -7.54 -23.06 10.66
C ALA B 42 -7.19 -24.06 11.74
N ALA B 43 -8.18 -24.41 12.57
CA ALA B 43 -7.98 -25.36 13.67
C ALA B 43 -7.57 -26.72 13.11
N LEU B 44 -8.34 -27.21 12.14
CA LEU B 44 -8.01 -28.50 11.56
C LEU B 44 -6.61 -28.48 10.93
N GLY B 45 -6.30 -27.44 10.15
CA GLY B 45 -4.99 -27.27 9.57
C GLY B 45 -3.87 -27.35 10.58
N ILE B 46 -4.00 -26.58 11.66
CA ILE B 46 -2.97 -26.53 12.69
C ILE B 46 -2.82 -27.90 13.39
N ILE B 47 -3.93 -28.56 13.67
CA ILE B 47 -3.89 -29.91 14.25
C ILE B 47 -3.14 -30.89 13.33
N LEU B 48 -3.42 -30.83 12.03
CA LEU B 48 -2.76 -31.72 11.06
C LEU B 48 -1.27 -31.46 10.89
N ILE B 49 -0.89 -30.18 10.94
CA ILE B 49 0.51 -29.78 11.01
C ILE B 49 1.19 -30.35 12.24
N ALA B 50 0.52 -30.24 13.39
CA ALA B 50 1.01 -30.83 14.65
C ALA B 50 1.19 -32.36 14.52
N TRP B 51 0.25 -33.00 13.85
CA TRP B 51 0.34 -34.42 13.56
C TRP B 51 1.50 -34.75 12.61
N SER B 52 1.65 -33.96 11.55
CA SER B 52 2.81 -34.07 10.68
C SER B 52 4.12 -33.90 11.45
N ALA B 53 4.14 -32.99 12.42
CA ALA B 53 5.32 -32.83 13.23
C ALA B 53 5.65 -34.11 13.99
N VAL B 54 4.61 -34.79 14.47
CA VAL B 54 4.79 -36.01 15.27
C VAL B 54 5.34 -37.12 14.37
N LEU B 55 4.72 -37.32 13.21
CA LEU B 55 5.22 -38.24 12.20
C LEU B 55 6.65 -37.92 11.72
N GLN B 56 6.98 -36.64 11.66
CA GLN B 56 8.32 -36.19 11.31
C GLN B 56 9.29 -36.45 12.45
N GLY B 57 8.76 -36.36 13.67
CA GLY B 57 9.56 -36.59 14.87
C GLY B 57 10.22 -35.38 15.47
N THR B 58 9.63 -34.20 15.23
CA THR B 58 10.14 -32.94 15.83
C THR B 58 9.02 -31.95 16.19
N TRP B 59 9.27 -31.18 17.26
CA TRP B 59 8.42 -30.06 17.70
C TRP B 59 9.11 -28.71 17.52
N ASN B 60 10.30 -28.70 16.94
CA ASN B 60 10.99 -27.45 16.73
C ASN B 60 10.39 -26.70 15.53
N PRO B 61 9.96 -25.45 15.75
CA PRO B 61 9.27 -24.70 14.70
C PRO B 61 10.21 -24.40 13.54
N GLN B 62 11.51 -24.36 13.81
CA GLN B 62 12.50 -24.18 12.74
C GLN B 62 12.79 -25.46 11.94
N LEU B 63 12.24 -26.60 12.39
CA LEU B 63 12.45 -27.90 11.75
C LEU B 63 11.19 -28.49 11.16
N ILE B 64 10.04 -28.21 11.77
CA ILE B 64 8.78 -28.76 11.24
C ILE B 64 8.61 -28.41 9.78
N SER B 65 8.31 -29.41 8.95
CA SER B 65 8.15 -29.18 7.53
C SER B 65 7.23 -30.20 6.96
N VAL B 66 6.19 -29.73 6.29
CA VAL B 66 5.21 -30.62 5.71
C VAL B 66 5.38 -30.62 4.17
N TYR B 67 5.74 -31.78 3.60
CA TYR B 67 5.97 -31.88 2.15
C TYR B 67 4.84 -32.41 1.34
N PRO B 68 4.69 -31.86 0.13
CA PRO B 68 3.72 -32.40 -0.79
C PRO B 68 4.16 -33.83 -1.20
N PRO B 69 3.25 -34.60 -1.82
CA PRO B 69 3.59 -35.94 -2.33
C PRO B 69 4.81 -35.86 -3.27
N ALA B 70 5.72 -36.83 -3.20
CA ALA B 70 6.80 -36.94 -4.19
C ALA B 70 6.23 -36.93 -5.60
N LEU B 71 7.04 -36.59 -6.59
CA LEU B 71 6.54 -36.52 -8.00
C LEU B 71 5.91 -37.82 -8.55
N GLU B 72 6.35 -38.97 -8.05
CA GLU B 72 5.79 -40.28 -8.48
C GLU B 72 4.29 -40.38 -8.27
N TYR B 73 3.74 -39.61 -7.33
CA TYR B 73 2.29 -39.67 -7.06
C TYR B 73 1.47 -38.89 -8.06
N GLY B 74 2.14 -38.13 -8.91
CA GLY B 74 1.43 -37.29 -9.88
C GLY B 74 0.44 -36.42 -9.12
N LEU B 75 -0.76 -36.33 -9.66
CA LEU B 75 -1.87 -35.59 -9.07
C LEU B 75 -2.84 -36.46 -8.25
N GLY B 76 -2.41 -37.66 -7.85
CA GLY B 76 -3.28 -38.53 -7.05
C GLY B 76 -3.11 -38.25 -5.58
N GLY B 77 -3.85 -38.97 -4.73
CA GLY B 77 -3.66 -38.91 -3.29
C GLY B 77 -2.36 -39.58 -2.88
N ALA B 78 -1.90 -39.32 -1.67
CA ALA B 78 -0.75 -40.00 -1.12
C ALA B 78 -1.05 -40.44 0.32
N PRO B 79 -0.32 -41.47 0.81
CA PRO B 79 -0.42 -41.75 2.24
C PRO B 79 -0.12 -40.51 3.09
N LEU B 80 -0.79 -40.39 4.23
CA LEU B 80 -0.76 -39.23 5.09
C LEU B 80 0.67 -38.84 5.44
N ALA B 81 1.48 -39.81 5.86
CA ALA B 81 2.86 -39.56 6.24
C ALA B 81 3.75 -39.25 5.03
N LYS B 82 3.17 -39.36 3.84
CA LYS B 82 3.92 -39.28 2.61
C LYS B 82 3.36 -38.25 1.64
N GLY B 83 2.75 -37.17 2.15
CA GLY B 83 2.20 -36.16 1.27
C GLY B 83 0.70 -35.88 1.44
N GLY B 84 0.00 -36.81 2.08
CA GLY B 84 -1.45 -36.71 2.27
C GLY B 84 -1.77 -35.59 3.25
N LEU B 85 -1.00 -35.49 4.32
CA LEU B 85 -1.17 -34.39 5.26
C LEU B 85 -1.01 -33.05 4.55
N TRP B 86 0.03 -32.92 3.72
CA TRP B 86 0.22 -31.70 2.94
C TRP B 86 -1.03 -31.35 2.15
N GLN B 87 -1.59 -32.34 1.46
CA GLN B 87 -2.78 -32.16 0.64
C GLN B 87 -4.00 -31.70 1.46
N ILE B 88 -4.21 -32.31 2.63
CA ILE B 88 -5.36 -31.94 3.45
C ILE B 88 -5.14 -30.53 4.03
N ILE B 89 -3.93 -30.29 4.52
CA ILE B 89 -3.53 -29.00 5.06
C ILE B 89 -3.72 -27.90 4.03
N THR B 90 -3.33 -28.16 2.79
CA THR B 90 -3.57 -27.23 1.69
C THR B 90 -5.05 -26.94 1.46
N ILE B 91 -5.89 -27.95 1.52
CA ILE B 91 -7.33 -27.69 1.42
C ILE B 91 -7.82 -26.83 2.62
N CYS B 92 -7.32 -27.13 3.81
CA CYS B 92 -7.66 -26.34 5.00
C CYS B 92 -7.21 -24.87 4.86
N ALA B 93 -5.95 -24.66 4.47
CA ALA B 93 -5.40 -23.32 4.21
C ALA B 93 -6.27 -22.52 3.25
N THR B 94 -6.58 -23.14 2.12
CA THR B 94 -7.45 -22.55 1.14
C THR B 94 -8.82 -22.22 1.71
N GLY B 95 -9.43 -23.16 2.45
CA GLY B 95 -10.74 -22.90 3.09
C GLY B 95 -10.67 -21.72 4.06
N ALA B 96 -9.61 -21.69 4.87
CA ALA B 96 -9.35 -20.63 5.84
C ALA B 96 -9.19 -19.26 5.17
N PHE B 97 -8.42 -19.20 4.08
CA PHE B 97 -8.17 -17.90 3.42
C PHE B 97 -9.41 -17.38 2.75
N VAL B 98 -10.10 -18.25 2.01
CA VAL B 98 -11.30 -17.87 1.31
C VAL B 98 -12.41 -17.48 2.31
N SER B 99 -12.55 -18.25 3.39
CA SER B 99 -13.46 -17.87 4.48
C SER B 99 -13.11 -16.51 5.07
N TRP B 100 -11.82 -16.23 5.25
CA TRP B 100 -11.37 -14.94 5.77
C TRP B 100 -11.81 -13.80 4.86
N ALA B 101 -11.67 -13.97 3.54
CA ALA B 101 -12.08 -12.94 2.59
C ALA B 101 -13.59 -12.74 2.64
N LEU B 102 -14.35 -13.83 2.71
CA LEU B 102 -15.81 -13.72 2.73
C LEU B 102 -16.33 -13.13 4.09
N ARG B 103 -15.64 -13.42 5.18
CA ARG B 103 -15.93 -12.76 6.48
C ARG B 103 -15.66 -11.25 6.35
N GLU B 104 -14.55 -10.87 5.70
CA GLU B 104 -14.31 -9.46 5.36
C GLU B 104 -15.43 -8.85 4.55
N VAL B 105 -16.00 -9.61 3.62
CA VAL B 105 -17.12 -9.10 2.85
C VAL B 105 -18.35 -8.83 3.76
N GLU B 106 -18.64 -9.75 4.68
CA GLU B 106 -19.75 -9.53 5.63
C GLU B 106 -19.52 -8.26 6.47
N ILE B 107 -18.30 -8.04 6.91
CA ILE B 107 -17.91 -6.86 7.66
C ILE B 107 -18.07 -5.58 6.83
N CYS B 108 -17.66 -5.61 5.53
CA CYS B 108 -17.95 -4.48 4.62
C CYS B 108 -19.42 -4.19 4.54
N ARG B 109 -20.25 -5.20 4.42
CA ARG B 109 -21.66 -4.95 4.25
C ARG B 109 -22.29 -4.35 5.55
N LYS B 110 -21.82 -4.82 6.71
CA LYS B 110 -22.36 -4.28 7.96
C LYS B 110 -21.96 -2.82 8.07
N LEU B 111 -20.71 -2.48 7.72
CA LEU B 111 -20.20 -1.11 7.80
C LEU B 111 -20.54 -0.13 6.67
N GLY B 112 -21.20 -0.62 5.64
CA GLY B 112 -21.57 0.20 4.46
C GLY B 112 -20.39 0.78 3.69
N ILE B 113 -19.28 0.05 3.67
CA ILE B 113 -18.06 0.45 2.95
C ILE B 113 -17.83 -0.39 1.66
N GLY B 114 -16.94 0.09 0.80
CA GLY B 114 -16.64 -0.63 -0.46
C GLY B 114 -15.99 -1.97 -0.16
N TYR B 115 -15.97 -2.83 -1.17
CA TYR B 115 -15.37 -4.16 -1.05
C TYR B 115 -13.89 -4.26 -1.46
N HIS B 116 -13.17 -3.15 -1.52
CA HIS B 116 -11.79 -3.12 -2.06
C HIS B 116 -10.83 -4.01 -1.28
N ILE B 117 -11.04 -4.13 0.03
CA ILE B 117 -10.10 -4.91 0.86
C ILE B 117 -10.09 -6.44 0.56
N PRO B 118 -11.23 -7.12 0.68
CA PRO B 118 -11.18 -8.56 0.35
C PRO B 118 -10.89 -8.81 -1.17
N PHE B 119 -11.31 -7.91 -2.04
CA PHE B 119 -10.89 -7.97 -3.46
C PHE B 119 -9.37 -7.99 -3.56
N ALA B 120 -8.70 -7.10 -2.82
CA ALA B 120 -7.26 -7.05 -2.79
C ALA B 120 -6.64 -8.27 -2.17
N PHE B 121 -7.24 -8.76 -1.08
CA PHE B 121 -6.72 -9.95 -0.42
C PHE B 121 -6.81 -11.15 -1.41
N ALA B 122 -7.84 -11.17 -2.25
CA ALA B 122 -8.07 -12.32 -3.16
C ALA B 122 -6.88 -12.48 -4.13
N PHE B 123 -6.16 -11.39 -4.44
CA PHE B 123 -4.86 -11.46 -5.14
C PHE B 123 -3.82 -12.27 -4.43
N ALA B 124 -3.69 -12.05 -3.11
CA ALA B 124 -2.73 -12.86 -2.36
C ALA B 124 -3.16 -14.33 -2.41
N ILE B 125 -4.44 -14.57 -2.27
CA ILE B 125 -4.89 -15.96 -2.22
C ILE B 125 -4.62 -16.62 -3.59
N LEU B 126 -4.81 -15.87 -4.66
CA LEU B 126 -4.55 -16.39 -6.02
C LEU B 126 -3.05 -16.67 -6.31
N ALA B 127 -2.13 -15.85 -5.76
CA ALA B 127 -0.71 -16.18 -5.75
C ALA B 127 -0.39 -17.44 -4.99
N TYR B 128 -0.94 -17.58 -3.77
CA TYR B 128 -0.81 -18.83 -3.04
C TYR B 128 -1.33 -20.03 -3.89
N LEU B 129 -2.50 -19.90 -4.48
CA LEU B 129 -3.07 -21.00 -5.25
C LEU B 129 -2.25 -21.33 -6.54
N THR B 130 -1.67 -20.31 -7.17
CA THR B 130 -0.77 -20.50 -8.32
C THR B 130 0.31 -21.48 -7.94
N LEU B 131 0.91 -21.30 -6.76
CA LEU B 131 2.03 -22.10 -6.34
C LEU B 131 1.67 -23.50 -5.87
N VAL B 132 0.50 -23.67 -5.23
CA VAL B 132 0.14 -24.97 -4.62
C VAL B 132 -0.88 -25.75 -5.42
N LEU B 133 -1.53 -25.08 -6.35
CA LEU B 133 -2.63 -25.68 -7.07
C LEU B 133 -2.52 -25.51 -8.59
N PHE B 134 -2.50 -24.29 -9.09
CA PHE B 134 -2.58 -24.06 -10.51
C PHE B 134 -1.32 -24.54 -11.24
N ARG B 135 -0.16 -24.18 -10.71
CA ARG B 135 1.09 -24.57 -11.34
C ARG B 135 1.34 -26.09 -11.23
N PRO B 136 1.23 -26.69 -10.02
CA PRO B 136 1.37 -28.15 -9.95
C PRO B 136 0.39 -28.93 -10.85
N VAL B 137 -0.84 -28.49 -10.96
CA VAL B 137 -1.80 -29.16 -11.81
C VAL B 137 -1.35 -29.10 -13.28
N MET B 138 -0.97 -27.91 -13.76
CA MET B 138 -0.46 -27.74 -15.12
C MET B 138 0.82 -28.54 -15.43
N MET B 139 1.66 -28.72 -14.42
CA MET B 139 2.90 -29.47 -14.54
C MET B 139 2.73 -30.98 -14.28
N GLY B 140 1.55 -31.38 -13.79
CA GLY B 140 1.19 -32.79 -13.55
C GLY B 140 1.60 -33.46 -12.24
N ALA B 141 2.00 -32.70 -11.22
CA ALA B 141 2.27 -33.31 -9.92
C ALA B 141 2.22 -32.32 -8.75
N TRP B 142 1.62 -32.74 -7.64
CA TRP B 142 1.59 -31.94 -6.39
C TRP B 142 2.99 -31.64 -5.89
N GLY B 143 3.91 -32.57 -6.13
CA GLY B 143 5.31 -32.46 -5.74
C GLY B 143 6.04 -31.22 -6.23
N TYR B 144 5.49 -30.52 -7.22
CA TYR B 144 6.08 -29.26 -7.66
C TYR B 144 5.71 -28.07 -6.74
N ALA B 145 4.87 -28.32 -5.72
CA ALA B 145 4.40 -27.27 -4.82
C ALA B 145 5.46 -27.05 -3.77
N PHE B 146 5.40 -25.92 -3.03
CA PHE B 146 6.36 -25.72 -1.94
C PHE B 146 5.94 -26.45 -0.67
N PRO B 147 6.90 -26.84 0.19
CA PRO B 147 6.53 -27.46 1.45
C PRO B 147 6.26 -26.41 2.53
N TYR B 148 5.56 -26.81 3.57
CA TYR B 148 5.22 -25.87 4.63
C TYR B 148 6.20 -26.03 5.72
N GLY B 149 7.25 -25.22 5.66
CA GLY B 149 8.30 -25.24 6.62
C GLY B 149 9.01 -23.91 6.48
N ILE B 150 9.46 -23.36 7.61
CA ILE B 150 9.98 -22.01 7.66
C ILE B 150 11.23 -21.84 6.80
N TRP B 151 12.17 -22.75 6.97
CA TRP B 151 13.37 -22.77 6.15
C TRP B 151 13.22 -23.64 4.93
N THR B 152 12.51 -24.76 5.02
CA THR B 152 12.34 -25.61 3.83
C THR B 152 11.67 -24.92 2.65
N HIS B 153 10.72 -24.03 2.92
CA HIS B 153 10.10 -23.35 1.78
C HIS B 153 11.08 -22.45 1.04
N LEU B 154 12.09 -21.95 1.75
CA LEU B 154 13.16 -21.14 1.14
C LEU B 154 14.12 -22.01 0.28
N ASP B 155 14.41 -23.23 0.76
CA ASP B 155 15.17 -24.20 -0.04
C ASP B 155 14.41 -24.45 -1.34
N TRP B 156 13.09 -24.60 -1.25
CA TRP B 156 12.25 -24.73 -2.42
C TRP B 156 12.34 -23.52 -3.37
N VAL B 157 12.38 -22.30 -2.84
CA VAL B 157 12.51 -21.21 -3.81
C VAL B 157 13.89 -21.16 -4.48
N SER B 158 14.92 -21.48 -3.72
CA SER B 158 16.25 -21.50 -4.26
C SER B 158 16.35 -22.62 -5.32
N ASN B 159 15.94 -23.83 -4.96
CA ASN B 159 15.99 -24.98 -5.87
C ASN B 159 15.17 -24.77 -7.13
N THR B 160 13.95 -24.27 -6.98
CA THR B 160 13.09 -23.94 -8.09
C THR B 160 13.70 -22.86 -8.99
N GLY B 161 14.17 -21.77 -8.39
CA GLY B 161 14.77 -20.71 -9.15
C GLY B 161 15.95 -21.23 -9.97
N TYR B 162 16.89 -21.94 -9.31
CA TYR B 162 18.14 -22.37 -9.96
C TYR B 162 17.90 -23.40 -11.08
N THR B 163 16.73 -24.04 -11.09
CA THR B 163 16.32 -24.95 -12.14
C THR B 163 16.29 -24.25 -13.50
N TYR B 164 16.12 -22.93 -13.52
CA TYR B 164 16.02 -22.18 -14.74
C TYR B 164 17.16 -21.21 -14.88
N GLY B 165 18.27 -21.50 -14.23
CA GLY B 165 19.43 -20.62 -14.24
C GLY B 165 19.29 -19.48 -13.20
N ASN B 166 19.84 -18.28 -13.48
CA ASN B 166 19.49 -17.08 -12.67
C ASN B 166 18.04 -16.75 -12.97
N PHE B 167 17.13 -16.99 -12.01
CA PHE B 167 15.72 -16.63 -12.20
C PHE B 167 15.50 -15.13 -12.45
N HIS B 168 16.50 -14.29 -12.16
CA HIS B 168 16.40 -12.87 -12.49
C HIS B 168 15.98 -12.64 -13.94
N TYR B 169 16.29 -13.60 -14.81
CA TYR B 169 16.08 -13.43 -16.27
C TYR B 169 14.65 -13.64 -16.74
N ASN B 170 13.80 -14.16 -15.86
CA ASN B 170 12.36 -14.26 -16.12
C ASN B 170 11.79 -12.85 -16.27
N PRO B 171 11.21 -12.50 -17.45
CA PRO B 171 10.81 -11.11 -17.65
C PRO B 171 9.55 -10.68 -16.84
N ALA B 172 8.67 -11.62 -16.54
CA ALA B 172 7.49 -11.31 -15.71
C ALA B 172 7.95 -11.08 -14.26
N HIS B 173 9.02 -11.76 -13.84
CA HIS B 173 9.69 -11.63 -12.54
C HIS B 173 10.31 -10.24 -12.46
N MET B 174 10.90 -9.76 -13.55
CA MET B 174 11.49 -8.43 -13.58
C MET B 174 10.46 -7.37 -13.34
N ILE B 175 9.32 -7.51 -14.01
CA ILE B 175 8.21 -6.57 -13.86
C ILE B 175 7.64 -6.65 -12.41
N ALA B 176 7.45 -7.85 -11.88
CA ALA B 176 6.93 -8.05 -10.54
C ALA B 176 7.84 -7.35 -9.56
N ILE B 177 9.14 -7.61 -9.66
CA ILE B 177 10.11 -6.92 -8.83
C ILE B 177 10.01 -5.38 -8.92
N SER B 178 9.86 -4.83 -10.12
CA SER B 178 9.78 -3.40 -10.29
C SER B 178 8.55 -2.85 -9.53
N PHE B 179 7.44 -3.58 -9.56
CA PHE B 179 6.25 -3.18 -8.85
C PHE B 179 6.45 -3.26 -7.33
N PHE B 180 7.09 -4.31 -6.83
CA PHE B 180 7.46 -4.42 -5.43
C PHE B 180 8.33 -3.27 -4.94
N PHE B 181 9.40 -2.94 -5.67
CA PHE B 181 10.31 -1.86 -5.30
C PHE B 181 9.55 -0.54 -5.39
N THR B 182 8.79 -0.35 -6.46
CA THR B 182 8.09 0.90 -6.64
C THR B 182 7.00 1.07 -5.53
N ASN B 183 6.36 -0.03 -5.15
CA ASN B 183 5.37 0.01 -4.06
C ASN B 183 5.97 0.47 -2.71
N ALA B 184 7.13 -0.04 -2.35
CA ALA B 184 7.82 0.33 -1.14
C ALA B 184 8.25 1.79 -1.14
N LEU B 185 8.71 2.25 -2.32
CA LEU B 185 9.08 3.63 -2.52
C LEU B 185 7.86 4.51 -2.26
N ALA B 186 6.74 4.18 -2.89
CA ALA B 186 5.53 4.96 -2.79
C ALA B 186 4.92 4.93 -1.36
N LEU B 187 5.03 3.79 -0.67
CA LEU B 187 4.57 3.66 0.71
C LEU B 187 5.40 4.55 1.64
N ALA B 188 6.72 4.52 1.52
CA ALA B 188 7.60 5.47 2.19
C ALA B 188 7.24 6.93 1.96
N LEU B 189 7.05 7.32 0.70
CA LEU B 189 6.72 8.70 0.35
C LEU B 189 5.32 9.11 0.85
N HIS B 190 4.35 8.21 0.73
CA HIS B 190 3.03 8.49 1.21
C HIS B 190 2.99 8.69 2.75
N GLY B 191 3.57 7.75 3.50
CA GLY B 191 3.65 7.85 4.94
C GLY B 191 4.33 9.14 5.32
N ALA B 192 5.53 9.37 4.78
CA ALA B 192 6.32 10.56 5.04
C ALA B 192 5.57 11.84 4.69
N LEU B 193 4.81 11.84 3.60
CA LEU B 193 4.19 13.08 3.18
C LEU B 193 3.04 13.51 4.16
N VAL B 194 2.15 12.58 4.46
CA VAL B 194 1.05 12.83 5.38
C VAL B 194 1.61 13.26 6.73
N LEU B 195 2.57 12.51 7.26
CA LEU B 195 3.18 12.82 8.54
C LEU B 195 3.87 14.18 8.56
N SER B 196 4.52 14.56 7.43
CA SER B 196 5.27 15.80 7.38
C SER B 196 4.29 16.99 7.35
N ALA B 197 3.09 16.75 6.85
CA ALA B 197 2.06 17.76 6.84
C ALA B 197 1.34 17.88 8.23
N ALA B 198 1.09 16.73 8.84
CA ALA B 198 0.35 16.62 10.11
C ALA B 198 1.23 17.03 11.28
N ASN B 199 2.54 16.84 11.14
CA ASN B 199 3.53 17.17 12.12
C ASN B 199 4.57 18.14 11.56
N PRO B 200 4.20 19.41 11.40
CA PRO B 200 5.12 20.36 10.78
C PRO B 200 6.18 20.84 11.74
N GLU B 201 6.93 21.86 11.34
CA GLU B 201 8.01 22.37 12.16
C GLU B 201 7.41 22.88 13.48
N LYS B 202 8.24 22.88 14.52
CA LYS B 202 7.78 23.17 15.89
C LYS B 202 6.96 24.47 16.01
N GLY B 203 5.76 24.34 16.53
CA GLY B 203 4.90 25.48 16.78
C GLY B 203 4.15 25.97 15.57
N LYS B 204 4.37 25.33 14.39
CA LYS B 204 3.61 25.71 13.18
C LYS B 204 2.27 25.01 13.12
N GLU B 205 1.32 25.58 12.41
CA GLU B 205 0.03 24.97 12.21
C GLU B 205 0.13 23.75 11.26
N MET B 206 -0.77 22.76 11.44
CA MET B 206 -0.83 21.62 10.53
C MET B 206 -0.89 22.18 9.11
N ARG B 207 -0.11 21.56 8.23
CA ARG B 207 -0.19 21.84 6.80
C ARG B 207 -1.45 21.24 6.20
N THR B 208 -1.72 21.57 4.95
CA THR B 208 -2.93 21.10 4.26
C THR B 208 -2.58 20.17 3.08
N PRO B 209 -3.58 19.53 2.48
CA PRO B 209 -3.27 18.80 1.24
C PRO B 209 -2.72 19.72 0.15
N ASP B 210 -3.07 21.01 0.16
CA ASP B 210 -2.45 22.04 -0.71
C ASP B 210 -0.93 22.01 -0.57
N HIS B 211 -0.41 21.97 0.66
CA HIS B 211 1.01 21.89 0.90
C HIS B 211 1.63 20.56 0.43
N GLU B 212 0.88 19.47 0.56
CA GLU B 212 1.37 18.15 0.14
C GLU B 212 1.57 18.14 -1.38
N ASP B 213 0.58 18.65 -2.12
CA ASP B 213 0.69 18.84 -3.57
C ASP B 213 1.83 19.78 -3.91
N THR B 214 1.94 20.88 -3.17
CA THR B 214 3.00 21.86 -3.41
C THR B 214 4.36 21.25 -3.24
N PHE B 215 4.54 20.47 -2.17
CA PHE B 215 5.83 19.85 -1.88
C PHE B 215 6.28 18.94 -3.01
N PHE B 216 5.36 18.10 -3.49
CA PHE B 216 5.66 17.19 -4.62
C PHE B 216 5.85 17.88 -5.98
N ARG B 217 5.07 18.94 -6.22
CA ARG B 217 5.30 19.73 -7.42
C ARG B 217 6.67 20.41 -7.33
N ASP B 218 6.98 21.06 -6.22
CA ASP B 218 8.32 21.62 -6.06
C ASP B 218 9.40 20.56 -6.30
N LEU B 219 9.19 19.37 -5.74
CA LEU B 219 10.27 18.39 -5.70
C LEU B 219 10.53 17.74 -7.04
N VAL B 220 9.47 17.26 -7.71
CA VAL B 220 9.60 16.48 -8.94
C VAL B 220 8.73 16.98 -10.08
N GLY B 221 7.96 18.03 -9.84
CA GLY B 221 7.14 18.61 -10.88
C GLY B 221 5.78 17.96 -11.07
N TYR B 222 5.43 17.01 -10.19
CA TYR B 222 4.10 16.37 -10.30
C TYR B 222 3.67 15.86 -8.91
N SER B 223 2.39 16.03 -8.60
CA SER B 223 1.79 15.39 -7.44
C SER B 223 0.57 14.62 -7.94
N ILE B 224 0.52 13.34 -7.61
CA ILE B 224 -0.61 12.51 -7.97
C ILE B 224 -1.89 12.83 -7.15
N GLY B 225 -1.74 13.46 -5.99
CA GLY B 225 -2.95 13.89 -5.25
C GLY B 225 -3.34 12.84 -4.22
N THR B 226 -4.30 13.17 -3.33
CA THR B 226 -4.57 12.35 -2.14
C THR B 226 -5.43 11.17 -2.54
N LEU B 227 -6.31 11.33 -3.51
CA LEU B 227 -7.03 10.14 -4.00
C LEU B 227 -6.11 9.21 -4.80
N GLY B 228 -5.37 9.82 -5.75
CA GLY B 228 -4.44 9.13 -6.61
C GLY B 228 -3.43 8.26 -5.91
N ILE B 229 -2.82 8.75 -4.81
CA ILE B 229 -1.82 7.96 -4.11
C ILE B 229 -2.32 6.64 -3.52
N HIS B 230 -3.58 6.62 -3.13
CA HIS B 230 -4.18 5.43 -2.52
C HIS B 230 -4.60 4.49 -3.70
N ARG B 231 -5.12 5.04 -4.78
CA ARG B 231 -5.29 4.26 -6.05
C ARG B 231 -3.98 3.61 -6.47
N LEU B 232 -2.90 4.38 -6.41
CA LEU B 232 -1.60 3.94 -6.82
C LEU B 232 -1.06 2.86 -5.93
N GLY B 233 -1.10 3.07 -4.61
CA GLY B 233 -0.55 2.04 -3.71
C GLY B 233 -1.30 0.76 -3.92
N LEU B 234 -2.61 0.83 -4.08
CA LEU B 234 -3.36 -0.36 -4.28
C LEU B 234 -2.91 -1.05 -5.63
N LEU B 235 -2.83 -0.26 -6.70
CA LEU B 235 -2.46 -0.78 -8.04
C LEU B 235 -1.04 -1.38 -8.07
N LEU B 236 -0.07 -0.70 -7.47
CA LEU B 236 1.29 -1.20 -7.44
C LEU B 236 1.40 -2.52 -6.69
N SER B 237 0.71 -2.62 -5.57
CA SER B 237 0.86 -3.84 -4.76
C SER B 237 0.11 -5.01 -5.41
N LEU B 238 -1.07 -4.77 -5.96
CA LEU B 238 -1.78 -5.83 -6.69
C LEU B 238 -1.07 -6.26 -8.01
N SER B 239 -0.45 -5.30 -8.68
CA SER B 239 0.30 -5.56 -9.92
C SER B 239 1.53 -6.40 -9.62
N ALA B 240 2.26 -6.06 -8.56
CA ALA B 240 3.39 -6.85 -8.10
C ALA B 240 3.05 -8.34 -7.94
N VAL B 241 1.89 -8.59 -7.33
CA VAL B 241 1.50 -9.94 -7.01
C VAL B 241 0.91 -10.62 -8.26
N PHE B 242 0.24 -9.84 -9.09
CA PHE B 242 -0.29 -10.37 -10.35
C PHE B 242 0.90 -10.86 -11.23
N PHE B 243 1.95 -10.04 -11.32
CA PHE B 243 3.14 -10.41 -12.08
C PHE B 243 3.96 -11.47 -11.45
N SER B 244 3.90 -11.57 -10.12
CA SER B 244 4.47 -12.71 -9.41
C SER B 244 3.77 -14.02 -9.78
N ALA B 245 2.44 -14.04 -9.71
CA ALA B 245 1.72 -15.27 -10.07
C ALA B 245 2.00 -15.67 -11.55
N LEU B 246 1.91 -14.67 -12.43
CA LEU B 246 2.24 -14.82 -13.86
C LEU B 246 3.66 -15.38 -14.08
N CYS B 247 4.66 -14.81 -13.40
CA CYS B 247 6.04 -15.24 -13.56
C CYS B 247 6.25 -16.71 -13.21
N MET B 248 5.43 -17.23 -12.31
CA MET B 248 5.53 -18.62 -11.91
C MET B 248 4.64 -19.54 -12.73
N ILE B 249 3.46 -19.07 -13.12
CA ILE B 249 2.56 -19.95 -13.81
C ILE B 249 3.12 -20.33 -15.22
N ILE B 250 3.91 -19.43 -15.80
CA ILE B 250 4.57 -19.65 -17.11
C ILE B 250 5.86 -20.45 -17.01
N THR B 251 6.38 -20.61 -15.79
CA THR B 251 7.65 -21.25 -15.54
C THR B 251 7.42 -22.74 -15.25
N GLY B 252 8.01 -23.58 -16.12
CA GLY B 252 7.84 -25.02 -16.03
C GLY B 252 6.69 -25.50 -16.86
N THR B 253 6.01 -24.58 -17.52
CA THR B 253 4.84 -24.92 -18.32
C THR B 253 5.08 -24.45 -19.75
N ILE B 254 4.88 -23.18 -20.05
CA ILE B 254 5.21 -22.70 -21.36
C ILE B 254 6.70 -22.43 -21.60
N TRP B 255 7.45 -22.09 -20.55
CA TRP B 255 8.89 -21.90 -20.63
C TRP B 255 9.50 -22.75 -19.57
N PHE B 256 10.45 -23.62 -19.95
CA PHE B 256 11.09 -24.53 -18.99
C PHE B 256 12.59 -24.64 -19.13
N ASP B 257 13.16 -23.84 -20.02
CA ASP B 257 14.61 -23.87 -20.24
C ASP B 257 15.27 -22.78 -19.38
N GLN B 258 16.49 -22.37 -19.71
CA GLN B 258 17.20 -21.41 -18.88
C GLN B 258 16.66 -20.04 -19.24
N TRP B 259 16.13 -19.32 -18.24
CA TRP B 259 15.50 -18.00 -18.54
C TRP B 259 16.40 -17.04 -19.29
N VAL B 260 17.69 -17.04 -19.00
CA VAL B 260 18.62 -16.16 -19.72
C VAL B 260 18.53 -16.33 -21.27
N ASP B 261 18.27 -17.55 -21.72
CA ASP B 261 18.24 -17.85 -23.17
C ASP B 261 17.01 -17.33 -23.81
N TRP B 262 16.00 -16.99 -23.00
CA TRP B 262 14.79 -16.44 -23.57
C TRP B 262 15.11 -15.18 -24.33
N TRP B 263 16.08 -14.42 -23.85
CA TRP B 263 16.39 -13.08 -24.35
C TRP B 263 17.08 -13.11 -25.74
N GLN B 264 17.52 -14.29 -26.15
CA GLN B 264 18.09 -14.43 -27.51
C GLN B 264 17.09 -13.99 -28.58
N TRP B 265 15.79 -14.09 -28.33
CA TRP B 265 14.79 -13.63 -29.31
C TRP B 265 15.02 -12.20 -29.80
N TRP B 266 15.51 -11.34 -28.89
CA TRP B 266 15.75 -9.94 -29.20
C TRP B 266 17.06 -9.78 -29.93
N VAL B 267 18.10 -10.44 -29.44
CA VAL B 267 19.43 -10.36 -30.02
C VAL B 267 19.42 -10.90 -31.46
N LYS B 268 18.59 -11.91 -31.71
CA LYS B 268 18.54 -12.62 -32.98
C LYS B 268 17.54 -12.03 -33.98
N LEU B 269 17.04 -10.82 -33.74
CA LEU B 269 16.20 -10.20 -34.76
C LEU B 269 17.03 -9.99 -36.04
N PRO B 270 16.45 -10.35 -37.21
CA PRO B 270 17.17 -10.40 -38.49
C PRO B 270 18.00 -9.14 -38.78
N TRP B 271 17.38 -7.98 -38.62
CA TRP B 271 18.02 -6.72 -38.96
C TRP B 271 19.27 -6.36 -38.17
N TRP B 272 19.62 -7.13 -37.13
CA TRP B 272 20.87 -6.87 -36.40
C TRP B 272 21.61 -8.08 -35.87
N ALA B 273 20.98 -9.24 -36.00
CA ALA B 273 21.54 -10.49 -35.53
C ALA B 273 23.01 -10.66 -35.91
N ASN B 274 23.36 -10.24 -37.13
CA ASN B 274 24.65 -10.60 -37.72
C ASN B 274 25.68 -9.48 -37.82
N ILE B 275 25.31 -8.29 -37.38
CA ILE B 275 26.21 -7.15 -37.34
C ILE B 275 27.31 -7.45 -36.32
N PRO B 276 28.59 -7.27 -36.68
CA PRO B 276 29.57 -7.61 -35.66
C PRO B 276 29.83 -6.43 -34.72
N GLY B 277 30.62 -6.67 -33.68
CA GLY B 277 30.81 -5.69 -32.62
C GLY B 277 29.80 -5.90 -31.49
N GLY B 278 29.98 -5.12 -30.42
CA GLY B 278 29.10 -5.23 -29.25
C GLY B 278 29.40 -6.48 -28.46
N ILE B 279 28.41 -6.94 -27.70
CA ILE B 279 28.64 -8.04 -26.76
C ILE B 279 28.34 -9.35 -27.47
N ASN B 280 27.36 -9.31 -28.36
CA ASN B 280 26.86 -10.51 -29.03
C ASN B 280 27.28 -10.60 -30.51
N GLY B 281 28.49 -10.12 -30.81
CA GLY B 281 29.05 -10.14 -32.17
C GLY B 281 30.53 -9.77 -32.14
N ALA C 1 -23.39 -2.89 -11.91
CA ALA C 1 -22.04 -2.72 -11.26
C ALA C 1 -21.97 -1.35 -10.57
N GLU C 2 -21.60 -1.35 -9.29
CA GLU C 2 -21.38 -0.09 -8.59
C GLU C 2 -20.05 0.53 -9.06
N TYR C 3 -20.00 1.86 -9.06
CA TYR C 3 -18.77 2.59 -9.27
C TYR C 3 -17.76 2.30 -8.14
N GLN C 4 -16.49 2.10 -8.51
CA GLN C 4 -15.45 1.63 -7.56
C GLN C 4 -14.33 2.65 -7.25
N ASN C 5 -14.34 3.79 -7.93
CA ASN C 5 -13.38 4.87 -7.64
C ASN C 5 -11.94 4.50 -7.94
N ILE C 6 -11.74 3.56 -8.84
CA ILE C 6 -10.40 3.31 -9.36
C ILE C 6 -9.98 4.39 -10.38
N PHE C 7 -10.91 4.76 -11.26
CA PHE C 7 -10.75 5.89 -12.20
C PHE C 7 -11.89 6.86 -12.03
N SER C 8 -11.63 8.15 -12.24
CA SER C 8 -12.66 9.17 -12.12
C SER C 8 -13.66 9.09 -13.26
N GLN C 9 -14.92 9.40 -13.00
CA GLN C 9 -15.90 9.45 -14.06
C GLN C 9 -15.94 10.78 -14.79
N VAL C 10 -15.70 11.85 -14.04
CA VAL C 10 -15.78 13.19 -14.57
C VAL C 10 -14.57 13.90 -14.06
N GLN C 11 -13.85 14.58 -14.95
CA GLN C 11 -12.75 15.43 -14.52
C GLN C 11 -13.20 16.86 -14.49
N VAL C 12 -12.61 17.66 -13.60
CA VAL C 12 -12.86 19.09 -13.63
C VAL C 12 -11.52 19.78 -13.61
N ARG C 13 -11.50 20.99 -14.14
CA ARG C 13 -10.27 21.75 -14.16
C ARG C 13 -10.59 23.17 -13.79
N GLY C 14 -9.65 23.81 -13.14
CA GLY C 14 -9.78 25.22 -12.87
C GLY C 14 -8.46 25.84 -13.21
N PRO C 15 -8.30 27.13 -12.88
CA PRO C 15 -7.04 27.86 -13.08
C PRO C 15 -5.85 27.05 -12.58
N ALA C 16 -4.72 27.14 -13.28
CA ALA C 16 -3.52 26.46 -12.90
C ALA C 16 -3.18 26.75 -11.45
N ASP C 17 -2.84 25.69 -10.72
CA ASP C 17 -2.57 25.84 -9.29
C ASP C 17 -1.10 26.07 -9.02
N LEU C 18 -0.79 27.29 -8.58
CA LEU C 18 0.60 27.69 -8.39
C LEU C 18 1.11 27.29 -7.03
N GLY C 19 0.25 26.75 -6.18
CA GLY C 19 0.72 26.12 -4.95
C GLY C 19 0.87 27.08 -3.79
N MET C 20 1.22 26.53 -2.64
CA MET C 20 1.43 27.32 -1.44
C MET C 20 2.76 28.06 -1.54
N THR C 21 2.76 29.28 -1.02
CA THR C 21 3.99 30.07 -1.02
C THR C 21 4.88 29.80 0.18
N GLU C 22 4.34 29.98 1.38
CA GLU C 22 5.14 29.91 2.63
C GLU C 22 6.47 30.66 2.46
N ASP C 23 7.58 30.02 2.81
CA ASP C 23 8.92 30.60 2.69
C ASP C 23 9.68 30.26 1.38
N VAL C 24 8.96 29.77 0.39
CA VAL C 24 9.59 29.34 -0.88
C VAL C 24 10.05 30.60 -1.64
N ASN C 25 11.26 30.53 -2.19
CA ASN C 25 11.66 31.52 -3.18
C ASN C 25 10.92 31.32 -4.50
N LEU C 26 9.90 32.14 -4.75
CA LEU C 26 9.05 31.98 -5.92
C LEU C 26 9.76 32.23 -7.25
N ALA C 27 10.93 32.88 -7.17
CA ALA C 27 11.72 33.19 -8.35
C ALA C 27 12.28 31.90 -8.96
N ASN C 28 12.51 30.91 -8.09
CA ASN C 28 13.01 29.58 -8.47
C ASN C 28 11.97 28.55 -8.91
N ARG C 29 10.69 28.94 -8.99
CA ARG C 29 9.66 28.06 -9.53
C ARG C 29 9.40 28.35 -10.99
N SER C 30 9.29 27.28 -11.78
CA SER C 30 8.95 27.35 -13.18
C SER C 30 7.51 27.83 -13.31
N GLY C 31 7.03 27.95 -14.53
CA GLY C 31 5.60 28.07 -14.73
C GLY C 31 5.02 26.68 -14.65
N VAL C 32 3.69 26.59 -14.78
CA VAL C 32 2.99 25.32 -14.76
C VAL C 32 3.18 24.62 -16.10
N GLY C 33 3.25 23.29 -16.06
CA GLY C 33 3.39 22.48 -17.26
C GLY C 33 2.04 22.37 -17.91
N PRO C 34 1.90 21.45 -18.87
CA PRO C 34 0.57 21.21 -19.40
C PRO C 34 -0.33 20.43 -18.40
N PHE C 35 -1.59 20.27 -18.77
CA PHE C 35 -2.53 19.44 -18.08
C PHE C 35 -2.74 18.19 -18.90
N SER C 36 -2.65 17.03 -18.24
CA SER C 36 -2.83 15.76 -18.91
C SER C 36 -4.15 15.11 -18.51
N THR C 37 -5.10 15.16 -19.41
CA THR C 37 -6.35 14.44 -19.26
C THR C 37 -6.16 12.94 -19.02
N LEU C 38 -5.12 12.37 -19.63
CA LEU C 38 -4.82 10.96 -19.44
C LEU C 38 -4.54 10.66 -17.94
N LEU C 39 -3.55 11.37 -17.36
CA LEU C 39 -3.20 11.26 -15.94
C LEU C 39 -4.42 11.55 -15.03
N GLY C 40 -5.22 12.53 -15.44
CA GLY C 40 -6.40 12.98 -14.73
C GLY C 40 -7.46 11.94 -14.55
N TRP C 41 -7.36 10.79 -15.23
CA TRP C 41 -8.33 9.73 -14.95
C TRP C 41 -8.00 9.05 -13.62
N PHE C 42 -6.75 9.14 -13.19
CA PHE C 42 -6.25 8.33 -12.11
C PHE C 42 -5.74 9.20 -10.96
N GLY C 43 -5.10 10.32 -11.33
CA GLY C 43 -4.54 11.24 -10.34
C GLY C 43 -4.79 12.66 -10.79
N ASN C 44 -3.96 13.58 -10.36
CA ASN C 44 -4.06 14.98 -10.75
C ASN C 44 -3.68 15.17 -12.24
N ALA C 45 -4.42 16.03 -12.94
CA ALA C 45 -4.16 16.34 -14.35
C ALA C 45 -2.99 17.33 -14.54
N GLN C 46 -2.70 18.13 -13.52
CA GLN C 46 -1.73 19.21 -13.66
C GLN C 46 -0.29 18.75 -13.57
N LEU C 47 0.55 19.23 -14.51
CA LEU C 47 2.01 19.07 -14.41
C LEU C 47 2.64 20.39 -14.02
N GLY C 48 3.69 20.35 -13.20
CA GLY C 48 4.35 21.55 -12.68
C GLY C 48 3.45 22.41 -11.79
N PRO C 49 4.00 23.53 -11.25
CA PRO C 49 5.39 23.99 -11.48
C PRO C 49 6.37 23.13 -10.74
N ILE C 50 7.64 23.26 -11.08
CA ILE C 50 8.68 22.56 -10.38
C ILE C 50 9.60 23.63 -9.83
N TYR C 51 10.29 23.30 -8.75
CA TYR C 51 11.28 24.18 -8.16
C TYR C 51 12.68 23.87 -8.66
N LEU C 52 13.30 24.89 -9.21
CA LEU C 52 14.60 24.77 -9.82
C LEU C 52 15.62 25.07 -8.73
N GLY C 53 16.19 26.27 -8.74
CA GLY C 53 17.20 26.61 -7.74
C GLY C 53 18.55 25.98 -8.02
N SER C 54 19.56 26.39 -7.25
CA SER C 54 20.96 26.04 -7.48
C SER C 54 21.31 24.57 -7.23
N LEU C 55 20.92 24.05 -6.06
CA LEU C 55 21.03 22.62 -5.78
C LEU C 55 20.29 21.77 -6.82
N GLY C 56 19.10 22.20 -7.21
CA GLY C 56 18.33 21.49 -8.21
C GLY C 56 19.12 21.32 -9.50
N VAL C 57 19.65 22.44 -10.01
CA VAL C 57 20.46 22.45 -11.22
C VAL C 57 21.67 21.53 -11.05
N LEU C 58 22.35 21.65 -9.92
CA LEU C 58 23.48 20.81 -9.61
C LEU C 58 23.12 19.33 -9.70
N SER C 59 22.01 18.98 -9.07
CA SER C 59 21.58 17.59 -8.98
C SER C 59 21.24 17.04 -10.35
N LEU C 60 20.50 17.83 -11.12
CA LEU C 60 20.12 17.43 -12.47
C LEU C 60 21.35 17.30 -13.36
N PHE C 61 22.26 18.27 -13.30
CA PHE C 61 23.45 18.24 -14.13
C PHE C 61 24.30 17.01 -13.80
N SER C 62 24.53 16.81 -12.51
CA SER C 62 25.31 15.69 -12.03
C SER C 62 24.67 14.34 -12.40
N GLY C 63 23.34 14.28 -12.36
CA GLY C 63 22.60 13.06 -12.63
C GLY C 63 22.68 12.67 -14.10
N LEU C 64 22.44 13.66 -14.95
CA LEU C 64 22.61 13.55 -16.41
C LEU C 64 24.02 13.14 -16.82
N MET C 65 25.03 13.71 -16.16
CA MET C 65 26.43 13.36 -16.39
C MET C 65 26.73 11.91 -16.00
N TRP C 66 26.07 11.42 -14.94
CA TRP C 66 26.21 10.01 -14.56
C TRP C 66 25.64 9.17 -15.68
N PHE C 67 24.44 9.52 -16.12
CA PHE C 67 23.72 8.79 -17.13
C PHE C 67 24.51 8.76 -18.45
N PHE C 68 25.12 9.89 -18.81
CA PHE C 68 25.83 10.03 -20.08
C PHE C 68 27.17 9.37 -20.04
N THR C 69 27.83 9.39 -18.90
CA THR C 69 29.08 8.66 -18.75
C THR C 69 28.86 7.16 -19.03
N ILE C 70 27.78 6.57 -18.49
CA ILE C 70 27.42 5.17 -18.78
C ILE C 70 27.07 5.00 -20.25
N GLY C 71 26.25 5.90 -20.77
CA GLY C 71 25.69 5.78 -22.12
C GLY C 71 26.74 5.92 -23.21
N ILE C 72 27.70 6.79 -22.95
CA ILE C 72 28.84 6.99 -23.83
C ILE C 72 29.70 5.72 -23.87
N TRP C 73 30.02 5.15 -22.71
CA TRP C 73 30.71 3.85 -22.65
C TRP C 73 29.95 2.74 -23.37
N PHE C 74 28.62 2.77 -23.31
CA PHE C 74 27.81 1.79 -23.98
C PHE C 74 27.99 1.92 -25.52
N TRP C 75 27.92 3.16 -26.03
CA TRP C 75 28.14 3.43 -27.45
C TRP C 75 29.52 2.92 -27.86
N TYR C 76 30.53 3.20 -27.05
CA TYR C 76 31.85 2.68 -27.28
C TYR C 76 31.86 1.15 -27.41
N GLN C 77 31.15 0.46 -26.52
CA GLN C 77 31.09 -1.01 -26.57
C GLN C 77 30.31 -1.48 -27.78
N ALA C 78 29.42 -0.62 -28.28
CA ALA C 78 28.64 -0.91 -29.48
C ALA C 78 29.44 -0.65 -30.79
N GLY C 79 30.69 -0.21 -30.67
CA GLY C 79 31.46 0.25 -31.84
C GLY C 79 30.75 1.39 -32.56
N TRP C 80 30.05 2.24 -31.80
CA TRP C 80 29.34 3.43 -32.32
C TRP C 80 28.23 3.09 -33.30
N ASN C 81 27.84 1.82 -33.32
CA ASN C 81 26.82 1.33 -34.21
C ASN C 81 25.45 1.29 -33.53
N PRO C 82 24.53 2.16 -33.95
CA PRO C 82 23.17 2.26 -33.41
C PRO C 82 22.42 0.94 -33.31
N ALA C 83 22.57 0.06 -34.30
CA ALA C 83 21.83 -1.20 -34.33
C ALA C 83 22.37 -2.18 -33.30
N VAL C 84 23.69 -2.15 -33.12
CA VAL C 84 24.35 -2.93 -32.08
C VAL C 84 24.05 -2.36 -30.68
N PHE C 85 23.95 -1.03 -30.59
CA PHE C 85 23.57 -0.33 -29.37
C PHE C 85 22.23 -0.87 -28.85
N LEU C 86 21.23 -0.90 -29.72
CA LEU C 86 19.91 -1.37 -29.31
C LEU C 86 19.85 -2.89 -29.11
N ARG C 87 20.55 -3.65 -29.96
CA ARG C 87 20.54 -5.10 -29.86
C ARG C 87 21.08 -5.54 -28.51
N ASP C 88 22.20 -4.94 -28.11
CA ASP C 88 22.97 -5.36 -26.94
C ASP C 88 22.82 -4.42 -25.72
N LEU C 89 21.83 -3.53 -25.78
CA LEU C 89 21.57 -2.53 -24.73
C LEU C 89 21.65 -3.11 -23.30
N PHE C 90 21.00 -4.25 -23.08
CA PHE C 90 20.91 -4.83 -21.75
C PHE C 90 22.16 -5.58 -21.33
N PHE C 91 23.07 -5.79 -22.30
CA PHE C 91 24.30 -6.57 -22.10
C PHE C 91 25.50 -5.69 -21.81
N PHE C 92 25.50 -4.44 -22.25
CA PHE C 92 26.64 -3.55 -21.94
C PHE C 92 26.73 -3.32 -20.45
N SER C 93 27.93 -2.98 -19.98
CA SER C 93 28.15 -2.80 -18.58
C SER C 93 29.38 -1.96 -18.38
N LEU C 94 29.26 -0.92 -17.54
CA LEU C 94 30.40 -0.14 -17.07
C LEU C 94 30.81 -0.68 -15.73
N GLU C 95 31.98 -1.31 -15.69
CA GLU C 95 32.42 -2.14 -14.56
C GLU C 95 33.41 -1.37 -13.70
N PRO C 96 33.46 -1.66 -12.38
CA PRO C 96 34.45 -1.02 -11.50
C PRO C 96 35.89 -1.47 -11.75
N PRO C 97 36.89 -0.73 -11.22
CA PRO C 97 38.28 -1.15 -11.32
C PRO C 97 38.45 -2.59 -10.88
N ALA C 98 39.43 -3.28 -11.47
CA ALA C 98 39.81 -4.64 -11.07
C ALA C 98 40.40 -4.65 -9.64
N PRO C 99 40.35 -5.81 -8.93
CA PRO C 99 40.82 -5.86 -7.54
C PRO C 99 42.21 -5.24 -7.31
N GLU C 100 43.10 -5.41 -8.28
CA GLU C 100 44.51 -4.99 -8.18
C GLU C 100 44.65 -3.50 -7.86
N TYR C 101 43.72 -2.69 -8.34
CA TYR C 101 43.79 -1.24 -8.10
C TYR C 101 43.35 -0.82 -6.71
N GLY C 102 42.88 -1.77 -5.90
CA GLY C 102 42.36 -1.48 -4.56
C GLY C 102 41.36 -0.33 -4.55
N LEU C 103 41.56 0.62 -3.66
CA LEU C 103 40.75 1.84 -3.60
C LEU C 103 41.37 3.04 -4.34
N SER C 104 42.48 2.84 -5.06
CA SER C 104 43.13 3.98 -5.71
C SER C 104 42.31 4.52 -6.88
N PHE C 105 42.55 5.78 -7.21
CA PHE C 105 41.99 6.34 -8.45
C PHE C 105 42.95 6.19 -9.64
N ALA C 106 43.85 5.20 -9.56
CA ALA C 106 44.92 5.02 -10.55
C ALA C 106 44.53 4.25 -11.80
N ALA C 107 43.40 3.53 -11.74
CA ALA C 107 42.95 2.70 -12.86
C ALA C 107 42.69 3.51 -14.13
N PRO C 108 43.05 2.95 -15.31
CA PRO C 108 42.80 3.62 -16.60
C PRO C 108 41.31 3.81 -16.87
N LEU C 109 40.98 4.87 -17.61
CA LEU C 109 39.60 5.19 -17.98
C LEU C 109 38.81 3.99 -18.45
N LYS C 110 39.41 3.17 -19.31
CA LYS C 110 38.72 2.01 -19.88
C LYS C 110 38.70 0.82 -18.95
N GLU C 111 39.47 0.87 -17.86
CA GLU C 111 39.52 -0.27 -16.95
C GLU C 111 39.13 0.09 -15.51
N GLY C 112 38.13 0.94 -15.35
CA GLY C 112 37.66 1.30 -14.02
C GLY C 112 37.51 2.79 -13.82
N GLY C 113 38.43 3.57 -14.38
CA GLY C 113 38.47 5.02 -14.17
C GLY C 113 37.17 5.69 -14.54
N LEU C 114 36.56 5.21 -15.63
CA LEU C 114 35.30 5.73 -16.10
C LEU C 114 34.16 5.36 -15.13
N TRP C 115 34.24 4.19 -14.50
CA TRP C 115 33.24 3.81 -13.51
C TRP C 115 33.32 4.78 -12.33
N LEU C 116 34.55 5.13 -11.93
CA LEU C 116 34.76 6.03 -10.80
C LEU C 116 34.19 7.41 -11.07
N ILE C 117 34.40 7.88 -12.30
CA ILE C 117 33.83 9.14 -12.70
C ILE C 117 32.31 9.10 -12.65
N ALA C 118 31.71 8.09 -13.29
CA ALA C 118 30.24 7.93 -13.28
C ALA C 118 29.71 7.91 -11.83
N SER C 119 30.38 7.14 -10.99
CA SER C 119 30.02 7.01 -9.59
C SER C 119 30.08 8.36 -8.85
N PHE C 120 31.14 9.11 -9.11
CA PHE C 120 31.30 10.42 -8.50
C PHE C 120 30.10 11.28 -8.82
N PHE C 121 29.72 11.32 -10.11
CA PHE C 121 28.55 12.10 -10.52
C PHE C 121 27.26 11.60 -9.85
N MET C 122 27.19 10.28 -9.63
CA MET C 122 26.00 9.69 -9.03
C MET C 122 25.92 10.11 -7.55
N PHE C 123 27.07 10.12 -6.89
CA PHE C 123 27.19 10.50 -5.47
C PHE C 123 26.66 11.92 -5.27
N VAL C 124 27.12 12.84 -6.13
CA VAL C 124 26.70 14.25 -6.07
C VAL C 124 25.21 14.42 -6.40
N ALA C 125 24.74 13.68 -7.41
CA ALA C 125 23.34 13.77 -7.81
C ALA C 125 22.40 13.36 -6.65
N VAL C 126 22.73 12.26 -6.00
CA VAL C 126 21.87 11.66 -4.98
C VAL C 126 21.92 12.54 -3.71
N TRP C 127 23.11 12.81 -3.21
CA TRP C 127 23.23 13.63 -2.01
C TRP C 127 22.64 15.04 -2.16
N SER C 128 22.82 15.67 -3.33
CA SER C 128 22.26 16.98 -3.53
C SER C 128 20.74 16.89 -3.66
N TRP C 129 20.24 15.78 -4.22
CA TRP C 129 18.81 15.50 -4.25
C TRP C 129 18.27 15.31 -2.83
N TRP C 130 19.03 14.64 -1.98
CA TRP C 130 18.65 14.49 -0.58
C TRP C 130 18.49 15.87 0.09
N GLY C 131 19.47 16.76 -0.12
CA GLY C 131 19.41 18.12 0.40
C GLY C 131 18.13 18.77 -0.02
N ARG C 132 17.75 18.51 -1.27
CA ARG C 132 16.56 19.08 -1.84
C ARG C 132 15.26 18.59 -1.16
N THR C 133 15.20 17.31 -0.77
CA THR C 133 14.01 16.80 -0.06
C THR C 133 13.87 17.49 1.32
N TYR C 134 15.01 17.79 1.95
CA TYR C 134 15.03 18.51 3.23
C TYR C 134 14.62 19.98 3.06
N LEU C 135 15.32 20.65 2.14
CA LEU C 135 15.06 22.05 1.84
C LEU C 135 13.68 22.37 1.33
N ARG C 136 13.08 21.52 0.50
CA ARG C 136 11.72 21.80 0.01
C ARG C 136 10.67 21.68 1.11
N ALA C 137 10.89 20.77 2.06
CA ALA C 137 10.02 20.60 3.24
C ALA C 137 10.19 21.80 4.19
N GLN C 138 11.44 22.16 4.44
CA GLN C 138 11.75 23.31 5.28
C GLN C 138 11.08 24.58 4.77
N ALA C 139 11.23 24.85 3.48
CA ALA C 139 10.65 26.05 2.89
C ALA C 139 9.17 26.11 3.10
N LEU C 140 8.54 24.94 3.18
CA LEU C 140 7.07 24.89 3.32
C LEU C 140 6.61 24.78 4.78
N GLY C 141 7.55 24.76 5.71
CA GLY C 141 7.24 24.60 7.13
C GLY C 141 6.92 23.18 7.59
N MET C 142 7.20 22.18 6.73
CA MET C 142 6.77 20.79 6.95
C MET C 142 7.77 20.00 7.73
N GLY C 143 7.35 18.87 8.30
CA GLY C 143 8.29 17.98 8.92
C GLY C 143 9.23 17.42 7.86
N LYS C 144 10.27 16.75 8.32
CA LYS C 144 11.40 16.29 7.51
C LYS C 144 11.33 14.76 7.26
N HIS C 145 10.14 14.19 7.34
CA HIS C 145 9.93 12.74 7.22
C HIS C 145 10.41 12.23 5.85
N THR C 146 10.15 12.98 4.79
CA THR C 146 10.60 12.55 3.45
C THR C 146 12.12 12.37 3.41
N ALA C 147 12.85 13.38 3.84
CA ALA C 147 14.31 13.33 3.91
C ALA C 147 14.78 12.18 4.77
N TRP C 148 14.13 11.96 5.93
CA TRP C 148 14.49 10.80 6.78
C TRP C 148 14.20 9.46 6.09
N ALA C 149 13.04 9.32 5.47
CA ALA C 149 12.73 8.07 4.71
C ALA C 149 13.74 7.87 3.53
N PHE C 150 14.01 8.94 2.79
CA PHE C 150 14.96 8.90 1.65
C PHE C 150 16.33 8.45 2.12
N LEU C 151 16.72 8.92 3.31
CA LEU C 151 17.99 8.53 3.86
C LEU C 151 18.13 7.01 4.05
N SER C 152 17.01 6.34 4.27
CA SER C 152 17.06 4.88 4.44
C SER C 152 17.35 4.17 3.10
N ALA C 153 16.74 4.64 2.01
CA ALA C 153 17.08 4.13 0.66
C ALA C 153 18.57 4.43 0.36
N ILE C 154 19.00 5.65 0.68
CA ILE C 154 20.39 6.09 0.50
C ILE C 154 21.38 5.21 1.23
N TRP C 155 20.99 4.76 2.42
CA TRP C 155 21.81 3.84 3.20
C TRP C 155 22.16 2.56 2.43
N LEU C 156 21.19 1.88 1.83
CA LEU C 156 21.51 0.65 1.07
C LEU C 156 22.39 0.98 -0.15
N TRP C 157 22.04 2.05 -0.87
CA TRP C 157 22.85 2.53 -1.99
C TRP C 157 24.31 2.83 -1.61
N MET C 158 24.53 3.61 -0.53
CA MET C 158 25.86 3.86 -0.01
C MET C 158 26.59 2.60 0.40
N VAL C 159 25.89 1.67 1.03
CA VAL C 159 26.50 0.45 1.46
C VAL C 159 27.01 -0.34 0.23
N LEU C 160 26.15 -0.49 -0.78
CA LEU C 160 26.46 -1.25 -2.00
C LEU C 160 27.63 -0.65 -2.79
N GLY C 161 27.59 0.66 -3.05
CA GLY C 161 28.58 1.32 -3.90
C GLY C 161 29.79 1.97 -3.27
N PHE C 162 29.79 2.14 -1.94
CA PHE C 162 30.78 3.02 -1.29
C PHE C 162 31.30 2.47 0.02
N ILE C 163 30.42 2.34 1.01
CA ILE C 163 30.84 1.85 2.34
C ILE C 163 31.38 0.40 2.34
N ARG C 164 30.69 -0.51 1.67
CA ARG C 164 31.17 -1.91 1.68
C ARG C 164 32.49 -2.03 0.86
N PRO C 165 32.53 -1.47 -0.37
CA PRO C 165 33.79 -1.45 -1.10
C PRO C 165 34.97 -0.90 -0.27
N ILE C 166 34.80 0.27 0.37
CA ILE C 166 35.85 0.84 1.23
C ILE C 166 36.25 -0.11 2.36
N LEU C 167 35.26 -0.67 3.07
CA LEU C 167 35.58 -1.63 4.12
C LEU C 167 36.22 -2.90 3.59
N MET C 168 35.85 -3.34 2.38
CA MET C 168 36.48 -4.54 1.80
C MET C 168 37.89 -4.24 1.25
N GLY C 169 38.15 -2.97 0.96
CA GLY C 169 39.47 -2.55 0.51
C GLY C 169 39.62 -2.43 -1.01
N SER C 170 38.52 -2.40 -1.75
CA SER C 170 38.61 -2.22 -3.22
C SER C 170 37.30 -1.87 -3.92
N TRP C 171 37.41 -1.05 -4.95
CA TRP C 171 36.27 -0.65 -5.77
C TRP C 171 35.69 -1.82 -6.57
N SER C 172 36.48 -2.90 -6.73
CA SER C 172 36.00 -4.05 -7.50
C SER C 172 34.76 -4.67 -6.87
N GLU C 173 34.55 -4.40 -5.58
CA GLU C 173 33.44 -4.97 -4.81
C GLU C 173 32.10 -4.30 -5.16
N ALA C 174 32.16 -3.12 -5.74
CA ALA C 174 30.98 -2.29 -6.00
C ALA C 174 30.14 -2.84 -7.16
N VAL C 175 28.97 -2.26 -7.40
CA VAL C 175 28.05 -2.76 -8.41
C VAL C 175 28.37 -2.09 -9.77
N PRO C 176 28.35 -2.88 -10.89
CA PRO C 176 28.53 -2.31 -12.25
C PRO C 176 27.28 -1.64 -12.73
N TYR C 177 27.41 -0.67 -13.64
CA TYR C 177 26.25 -0.08 -14.25
C TYR C 177 25.86 -0.81 -15.53
N GLY C 178 24.85 -1.68 -15.41
CA GLY C 178 24.28 -2.36 -16.57
C GLY C 178 23.04 -3.09 -16.13
N ILE C 179 22.12 -3.27 -17.06
CA ILE C 179 20.87 -3.95 -16.79
C ILE C 179 21.16 -5.40 -16.38
N PHE C 180 21.62 -6.24 -17.30
CA PHE C 180 21.90 -7.63 -16.97
C PHE C 180 23.06 -7.78 -16.02
N SER C 181 24.10 -6.95 -16.15
CA SER C 181 25.26 -7.16 -15.31
C SER C 181 25.02 -6.89 -13.82
N HIS C 182 24.15 -5.93 -13.46
CA HIS C 182 23.87 -5.70 -12.01
C HIS C 182 23.10 -6.89 -11.39
N LEU C 183 22.28 -7.53 -12.21
CA LEU C 183 21.59 -8.77 -11.88
C LEU C 183 22.56 -9.92 -11.72
N ASP C 184 23.51 -10.10 -12.66
CA ASP C 184 24.58 -11.12 -12.45
C ASP C 184 25.37 -10.84 -11.15
N TRP C 185 25.71 -9.58 -10.92
CA TRP C 185 26.38 -9.15 -9.67
C TRP C 185 25.59 -9.61 -8.42
N THR C 186 24.28 -9.42 -8.44
CA THR C 186 23.39 -9.79 -7.32
C THR C 186 23.35 -11.29 -7.05
N ASN C 187 23.13 -12.07 -8.11
CA ASN C 187 23.23 -13.51 -8.03
C ASN C 187 24.59 -13.94 -7.52
N ASN C 188 25.65 -13.42 -8.13
CA ASN C 188 27.00 -13.74 -7.65
C ASN C 188 27.27 -13.37 -6.16
N PHE C 189 26.81 -12.18 -5.76
CA PHE C 189 26.98 -11.77 -4.36
C PHE C 189 26.46 -12.85 -3.41
N SER C 190 25.28 -13.38 -3.69
CA SER C 190 24.65 -14.39 -2.83
C SER C 190 25.39 -15.71 -2.85
N LEU C 191 25.81 -16.16 -4.05
CA LEU C 191 26.57 -17.41 -4.16
C LEU C 191 27.88 -17.37 -3.39
N VAL C 192 28.58 -16.26 -3.51
CA VAL C 192 29.87 -16.11 -2.88
C VAL C 192 29.82 -15.95 -1.33
N HIS C 193 28.64 -15.60 -0.79
CA HIS C 193 28.47 -15.43 0.67
C HIS C 193 27.63 -16.52 1.24
N GLY C 194 27.61 -17.67 0.57
CA GLY C 194 26.97 -18.86 1.07
C GLY C 194 25.45 -18.80 1.21
N ASN C 195 24.82 -18.01 0.34
CA ASN C 195 23.37 -18.02 0.14
C ASN C 195 22.70 -16.98 1.09
N LEU C 196 22.36 -15.84 0.50
CA LEU C 196 21.83 -14.70 1.23
C LEU C 196 20.55 -15.05 1.98
N PHE C 197 19.86 -16.12 1.58
CA PHE C 197 18.69 -16.39 2.39
C PHE C 197 18.94 -16.94 3.81
N TYR C 198 20.21 -17.18 4.11
CA TYR C 198 20.64 -17.49 5.48
C TYR C 198 21.08 -16.24 6.27
N ASN C 199 21.09 -15.08 5.61
CA ASN C 199 21.39 -13.81 6.22
C ASN C 199 20.09 -13.32 6.90
N PRO C 200 20.06 -13.23 8.24
CA PRO C 200 18.78 -12.84 8.93
C PRO C 200 18.32 -11.45 8.54
N PHE C 201 19.25 -10.54 8.25
CA PHE C 201 18.86 -9.23 7.80
C PHE C 201 18.24 -9.23 6.40
N HIS C 202 18.61 -10.22 5.56
CA HIS C 202 17.95 -10.40 4.21
C HIS C 202 16.57 -10.93 4.44
N GLY C 203 16.38 -11.89 5.33
CA GLY C 203 15.02 -12.40 5.54
C GLY C 203 14.14 -11.28 6.13
N LEU C 204 14.72 -10.42 6.97
CA LEU C 204 13.94 -9.29 7.53
C LEU C 204 13.59 -8.30 6.42
N SER C 205 14.59 -7.97 5.62
CA SER C 205 14.36 -7.05 4.50
C SER C 205 13.23 -7.57 3.64
N ILE C 206 13.17 -8.89 3.43
CA ILE C 206 12.07 -9.36 2.61
C ILE C 206 10.70 -9.35 3.35
N ALA C 207 10.70 -9.64 4.66
CA ALA C 207 9.44 -9.52 5.45
C ALA C 207 8.88 -8.11 5.29
N PHE C 208 9.74 -7.10 5.38
CA PHE C 208 9.32 -5.70 5.21
C PHE C 208 8.94 -5.35 3.77
N LEU C 209 9.60 -6.01 2.80
CA LEU C 209 9.24 -5.72 1.38
C LEU C 209 7.87 -6.31 1.04
N TYR C 210 7.66 -7.56 1.42
CA TYR C 210 6.34 -8.14 1.27
C TYR C 210 5.35 -7.35 2.17
N GLY C 211 5.78 -7.03 3.41
CA GLY C 211 4.83 -6.40 4.40
C GLY C 211 4.42 -5.05 3.85
N SER C 212 5.33 -4.48 3.09
CA SER C 212 5.09 -3.18 2.54
C SER C 212 4.06 -3.25 1.39
N ALA C 213 4.01 -4.38 0.67
CA ALA C 213 2.94 -4.58 -0.32
C ALA C 213 1.66 -4.99 0.39
N LEU C 214 1.79 -5.80 1.43
CA LEU C 214 0.61 -6.19 2.20
C LEU C 214 -0.03 -4.88 2.73
N LEU C 215 0.81 -4.04 3.33
CA LEU C 215 0.28 -2.83 4.02
C LEU C 215 -0.29 -1.78 3.06
N PHE C 216 0.40 -1.52 1.94
CA PHE C 216 -0.17 -0.59 0.96
C PHE C 216 -1.43 -1.15 0.33
N ALA C 217 -1.49 -2.45 0.06
CA ALA C 217 -2.75 -3.01 -0.45
C ALA C 217 -3.86 -2.79 0.62
N MET C 218 -3.56 -3.11 1.88
CA MET C 218 -4.57 -2.89 2.99
C MET C 218 -5.01 -1.41 3.02
N HIS C 219 -4.04 -0.51 3.05
CA HIS C 219 -4.29 0.95 3.26
C HIS C 219 -4.98 1.55 2.05
N GLY C 220 -4.41 1.25 0.86
CA GLY C 220 -5.01 1.80 -0.34
C GLY C 220 -6.41 1.29 -0.50
N ALA C 221 -6.65 0.01 -0.21
CA ALA C 221 -7.99 -0.53 -0.37
C ALA C 221 -8.93 0.09 0.68
N THR C 222 -8.41 0.25 1.90
CA THR C 222 -9.26 0.83 3.01
C THR C 222 -9.72 2.21 2.68
N ILE C 223 -8.79 3.08 2.30
CA ILE C 223 -9.11 4.45 1.91
C ILE C 223 -10.08 4.53 0.77
N LEU C 224 -9.89 3.70 -0.25
CA LEU C 224 -10.85 3.69 -1.34
C LEU C 224 -12.18 3.20 -0.83
N ALA C 225 -12.15 2.20 0.02
CA ALA C 225 -13.44 1.65 0.52
C ALA C 225 -14.25 2.72 1.31
N VAL C 226 -13.53 3.62 1.99
CA VAL C 226 -14.20 4.71 2.75
C VAL C 226 -14.13 6.06 2.04
N SER C 227 -13.79 6.06 0.74
CA SER C 227 -13.73 7.35 0.02
C SER C 227 -15.13 7.89 -0.17
N ARG C 228 -16.16 7.05 -0.08
CA ARG C 228 -17.56 7.54 -0.10
C ARG C 228 -17.91 8.40 1.14
N PHE C 229 -16.97 8.52 2.07
CA PHE C 229 -17.18 9.35 3.28
C PHE C 229 -16.05 10.30 3.35
N GLY C 230 -15.33 10.50 2.24
CA GLY C 230 -14.22 11.42 2.24
C GLY C 230 -12.97 10.95 2.93
N GLY C 231 -12.78 9.65 3.07
CA GLY C 231 -11.61 9.10 3.74
C GLY C 231 -10.24 9.53 3.27
N GLU C 232 -10.11 9.91 1.99
CA GLU C 232 -8.78 10.26 1.48
C GLU C 232 -8.34 11.64 1.92
N ARG C 233 -9.26 12.41 2.51
CA ARG C 233 -8.91 13.70 3.12
C ARG C 233 -8.39 13.43 4.52
N GLU C 234 -7.19 12.87 4.54
CA GLU C 234 -6.61 12.26 5.71
C GLU C 234 -6.21 13.29 6.75
N LEU C 235 -5.69 14.43 6.32
CA LEU C 235 -5.27 15.47 7.27
C LEU C 235 -6.46 16.02 8.10
N GLU C 236 -7.58 16.23 7.45
CA GLU C 236 -8.77 16.66 8.12
C GLU C 236 -9.40 15.57 8.98
N GLN C 237 -9.34 14.30 8.53
CA GLN C 237 -9.74 13.21 9.39
C GLN C 237 -8.88 13.08 10.65
N ILE C 238 -7.62 13.46 10.55
CA ILE C 238 -6.72 13.42 11.68
C ILE C 238 -7.13 14.55 12.69
N ALA C 239 -7.34 15.76 12.14
CA ALA C 239 -7.75 16.94 12.93
C ALA C 239 -9.16 16.79 13.48
N ASP C 240 -10.01 16.05 12.77
CA ASP C 240 -11.43 15.98 13.07
C ASP C 240 -12.03 14.68 12.57
N ARG C 241 -11.75 13.60 13.30
CA ARG C 241 -12.15 12.21 12.99
C ARG C 241 -13.56 12.16 12.48
N GLY C 242 -13.79 11.47 11.35
CA GLY C 242 -15.13 11.38 10.80
C GLY C 242 -15.60 9.96 10.69
N THR C 243 -16.79 9.76 10.18
CA THR C 243 -17.26 8.38 10.02
C THR C 243 -16.32 7.55 9.06
N ALA C 244 -15.62 8.21 8.12
CA ALA C 244 -14.62 7.47 7.27
C ALA C 244 -13.56 6.81 8.15
N ALA C 245 -12.93 7.59 9.04
CA ALA C 245 -11.86 7.07 9.89
C ALA C 245 -12.37 6.02 10.88
N GLU C 246 -13.61 6.16 11.33
CA GLU C 246 -14.19 5.13 12.26
C GLU C 246 -14.54 3.80 11.58
N ARG C 247 -15.16 3.87 10.41
CA ARG C 247 -15.48 2.64 9.68
C ARG C 247 -14.21 1.90 9.26
N ALA C 248 -13.20 2.63 8.82
CA ALA C 248 -11.88 2.04 8.48
C ALA C 248 -11.29 1.33 9.70
N ALA C 249 -11.25 2.03 10.84
CA ALA C 249 -10.73 1.42 12.10
C ALA C 249 -11.54 0.19 12.50
N LEU C 250 -12.85 0.27 12.37
CA LEU C 250 -13.67 -0.86 12.79
C LEU C 250 -13.63 -2.04 11.82
N PHE C 251 -13.42 -1.75 10.54
CA PHE C 251 -13.23 -2.90 9.61
C PHE C 251 -12.10 -3.76 10.13
N TRP C 252 -10.97 -3.16 10.42
CA TRP C 252 -9.82 -3.89 10.88
C TRP C 252 -9.97 -4.46 12.31
N ARG C 253 -10.59 -3.69 13.21
CA ARG C 253 -10.81 -4.19 14.58
C ARG C 253 -11.66 -5.44 14.49
N TRP C 254 -12.76 -5.42 13.76
CA TRP C 254 -13.58 -6.60 13.62
C TRP C 254 -12.93 -7.80 12.92
N THR C 255 -12.03 -7.49 11.98
CA THR C 255 -11.30 -8.53 11.21
C THR C 255 -10.19 -9.17 12.01
N MET C 256 -9.25 -8.35 12.47
CA MET C 256 -8.08 -8.88 13.11
C MET C 256 -7.88 -8.49 14.55
N GLY C 257 -8.82 -7.77 15.15
CA GLY C 257 -8.75 -7.59 16.64
C GLY C 257 -8.07 -6.32 17.10
N PHE C 258 -7.55 -5.53 16.16
CA PHE C 258 -6.92 -4.25 16.52
C PHE C 258 -6.93 -3.36 15.28
N ASN C 259 -6.52 -2.10 15.39
CA ASN C 259 -6.70 -1.19 14.30
C ASN C 259 -5.77 -0.01 14.49
N ALA C 260 -5.78 0.92 13.54
CA ALA C 260 -4.88 2.02 13.60
C ALA C 260 -5.74 3.29 13.73
N THR C 261 -5.09 4.43 13.62
CA THR C 261 -5.76 5.66 13.44
C THR C 261 -5.37 6.24 12.08
N MET C 262 -6.08 7.27 11.66
CA MET C 262 -5.75 7.99 10.42
C MET C 262 -4.33 8.55 10.42
N GLU C 263 -3.85 9.07 11.56
CA GLU C 263 -2.46 9.45 11.62
C GLU C 263 -1.52 8.26 11.75
N GLY C 264 -1.82 7.37 12.69
CA GLY C 264 -0.87 6.34 13.05
C GLY C 264 -0.66 5.27 11.95
N ILE C 265 -1.63 5.04 11.08
CA ILE C 265 -1.45 4.15 9.92
C ILE C 265 -0.25 4.64 9.06
N HIS C 266 -0.10 5.97 8.95
CA HIS C 266 1.00 6.55 8.18
C HIS C 266 2.34 6.33 8.82
N ARG C 267 2.33 6.08 10.12
CA ARG C 267 3.56 5.71 10.84
C ARG C 267 3.86 4.24 10.66
N TRP C 268 2.85 3.37 10.73
CA TRP C 268 3.09 1.97 10.34
C TRP C 268 3.68 1.98 8.90
N ALA C 269 3.08 2.75 7.99
CA ALA C 269 3.52 2.88 6.58
C ALA C 269 4.97 3.26 6.44
N ILE C 270 5.36 4.40 7.02
CA ILE C 270 6.70 4.93 6.87
C ILE C 270 7.74 3.91 7.34
N TRP C 271 7.47 3.25 8.47
CA TRP C 271 8.43 2.34 9.07
C TRP C 271 8.49 0.99 8.35
N MET C 272 7.35 0.46 7.94
CA MET C 272 7.32 -0.79 7.15
C MET C 272 8.24 -0.61 5.91
N ALA C 273 8.05 0.47 5.16
CA ALA C 273 8.88 0.80 4.01
C ALA C 273 10.35 1.08 4.35
N VAL C 274 10.65 1.97 5.29
CA VAL C 274 12.06 2.27 5.54
C VAL C 274 12.88 1.12 6.08
N LEU C 275 12.23 0.20 6.78
CA LEU C 275 12.95 -0.93 7.33
C LEU C 275 13.43 -1.94 6.23
N VAL C 276 12.80 -1.87 5.05
CA VAL C 276 13.28 -2.68 3.89
C VAL C 276 14.76 -2.43 3.68
N THR C 277 15.10 -1.18 3.41
CA THR C 277 16.48 -0.82 3.13
C THR C 277 17.35 -0.63 4.39
N LEU C 278 16.74 -0.36 5.54
CA LEU C 278 17.53 -0.30 6.76
C LEU C 278 18.13 -1.67 7.10
N THR C 279 17.30 -2.67 7.21
CA THR C 279 17.78 -4.02 7.53
C THR C 279 18.62 -4.54 6.34
N GLY C 280 18.18 -4.25 5.11
CA GLY C 280 18.92 -4.60 3.89
C GLY C 280 20.34 -4.09 3.92
N GLY C 281 20.53 -2.78 4.05
CA GLY C 281 21.87 -2.22 4.15
C GLY C 281 22.74 -2.87 5.19
N ILE C 282 22.17 -3.20 6.35
CA ILE C 282 22.93 -3.83 7.39
C ILE C 282 23.35 -5.24 6.94
N GLY C 283 22.42 -5.97 6.35
CA GLY C 283 22.70 -7.35 5.99
C GLY C 283 23.80 -7.41 4.95
N ILE C 284 23.79 -6.51 3.98
CA ILE C 284 24.89 -6.55 3.04
C ILE C 284 26.20 -5.92 3.54
N LEU C 285 26.12 -4.91 4.41
CA LEU C 285 27.34 -4.37 5.01
C LEU C 285 28.13 -5.40 5.80
N LEU C 286 27.42 -6.33 6.45
CA LEU C 286 28.06 -7.40 7.24
C LEU C 286 28.64 -8.53 6.36
N SER C 287 28.16 -8.61 5.12
CA SER C 287 28.52 -9.70 4.23
C SER C 287 29.93 -9.46 3.70
N GLY C 288 30.86 -10.31 4.09
CA GLY C 288 32.21 -10.21 3.53
C GLY C 288 33.11 -9.44 4.46
N THR C 289 32.54 -8.46 5.18
CA THR C 289 33.33 -7.72 6.15
C THR C 289 33.43 -8.50 7.47
N VAL C 290 32.32 -9.03 7.96
CA VAL C 290 32.39 -9.79 9.22
C VAL C 290 31.88 -11.22 9.06
N VAL C 291 31.06 -11.46 8.04
CA VAL C 291 30.55 -12.79 7.80
C VAL C 291 30.85 -13.18 6.34
N ASP C 292 31.62 -14.24 6.17
CA ASP C 292 32.03 -14.75 4.82
C ASP C 292 30.98 -15.63 4.23
N ASN C 293 30.22 -16.30 5.08
CA ASN C 293 29.33 -17.37 4.64
C ASN C 293 28.13 -17.45 5.58
N TRP C 294 26.97 -17.03 5.09
CA TRP C 294 25.78 -17.00 5.93
C TRP C 294 25.31 -18.39 6.34
N TYR C 295 25.45 -19.39 5.45
CA TYR C 295 25.12 -20.74 5.87
C TYR C 295 25.96 -21.18 7.07
N VAL C 296 27.25 -20.89 7.01
CA VAL C 296 28.17 -21.31 8.06
C VAL C 296 27.82 -20.54 9.39
N TRP C 297 27.67 -19.22 9.27
CA TRP C 297 27.22 -18.37 10.39
C TRP C 297 25.95 -18.94 11.03
N GLY C 298 24.94 -19.25 10.20
CA GLY C 298 23.68 -19.80 10.69
C GLY C 298 23.79 -21.13 11.43
N GLN C 299 24.88 -21.85 11.19
CA GLN C 299 25.11 -23.13 11.85
C GLN C 299 25.61 -22.89 13.26
N ASN C 300 26.24 -21.73 13.45
CA ASN C 300 26.77 -21.33 14.73
C ASN C 300 25.91 -20.33 15.53
N HIS C 301 25.11 -19.52 14.85
CA HIS C 301 24.26 -18.56 15.54
C HIS C 301 22.81 -18.69 15.09
N GLY C 302 22.21 -19.82 15.45
CA GLY C 302 20.84 -20.12 15.04
C GLY C 302 20.46 -21.51 15.49
N MET C 303 21.47 -22.38 15.53
CA MET C 303 21.37 -23.73 16.12
C MET C 303 22.20 -23.85 17.42
N ALA C 304 23.26 -23.07 17.54
CA ALA C 304 24.16 -23.08 18.73
C ALA C 304 23.81 -22.15 19.93
N PRO C 305 23.19 -20.95 19.69
CA PRO C 305 22.60 -20.18 20.81
C PRO C 305 21.14 -20.54 21.13
N LEU C 306 20.63 -21.62 20.50
CA LEU C 306 19.36 -22.26 20.89
C LEU C 306 19.60 -23.07 22.19
N ASN C 307 20.78 -22.86 22.78
CA ASN C 307 21.27 -23.50 24.00
C ASN C 307 20.58 -22.96 25.27
#